data_5ZOI
#
_entry.id   5ZOI
#
_cell.length_a   121.664
_cell.length_b   121.664
_cell.length_c   64.718
_cell.angle_alpha   90.00
_cell.angle_beta   90.00
_cell.angle_gamma   120.00
#
_symmetry.space_group_name_H-M   'P 32'
#
loop_
_entity.id
_entity.type
_entity.pdbx_description
1 polymer 'Alpha-(1,3)-fucosyltransferase FucT'
2 non-polymer '[[(2S,3R,4S,5R)-5-(2-azanyl-6-oxidanylidene-1H-purin-9-yl)-3,4-bis(oxidanyl)oxolan-2-yl]methoxy-oxidanyl-phosphoryl] [(2S,3S,4S,5R,6R)-6-methyl-3,4,5-tris(oxidanyl)oxan-2-yl] hydrogen phosphate'
#
_entity_poly.entity_id   1
_entity_poly.type   'polypeptide(L)'
_entity_poly.pdbx_seq_one_letter_code
;MFQPLLDAYVESASIEKMASKSPPPLKIAVANWWGDEEIKEFKNFVLYFILSQRYTITLHQNPNEFSDLVFGNPLGSARK
ILSYQNAKRVFYTGENESPNFNLFDYAIGFDELDFNDRYLRMPLYYNELHIKAESVNDTTAPYKLKDNSLYALKKPSHCF
KEKHPNLCAVVNDESDPLKRGFASFVASNPNAPIRNAFNDALNSIEPVTGGGSVRNTLGYNVKNKNEFLSQYKFNLCFEN
TQGYGYVTEKIIDAYFSHTIPIYWGSPSVAKDFNPKSFVNVHDFKNFDEAIDYIKYLHTHKNAYLDMLYENPLNTLDGKA
YFYQNLSFKKILAFFKTILDNDTIYHDNPFIFCRDLNEPLVTIDDLRANYDDLRVNYDDLRINYDDLRVNYDDLRINYDD
LRVNYDDLRVNYLEHHHHHH
;
_entity_poly.pdbx_strand_id   A,B
#
loop_
_chem_comp.id
_chem_comp.type
_chem_comp.name
_chem_comp.formula
C06 non-polymer '[[(2S,3R,4S,5R)-5-(2-azanyl-6-oxidanylidene-1H-purin-9-yl)-3,4-bis(oxidanyl)oxolan-2-yl]methoxy-oxidanyl-phosphoryl] [(2S,3S,4S,5R,6R)-6-methyl-3,4,5-tris(oxidanyl)oxan-2-yl] hydrogen phosphate' 'C16 H25 N5 O15 P2'
#
# COMPACT_ATOMS: atom_id res chain seq x y z
N MET A 1 -13.20 20.50 2.89
CA MET A 1 -12.25 21.12 3.86
C MET A 1 -12.09 20.18 5.05
N PHE A 2 -10.91 19.60 5.20
CA PHE A 2 -10.73 18.53 6.16
C PHE A 2 -10.64 19.01 7.60
N GLN A 3 -10.11 20.21 7.78
CA GLN A 3 -9.91 20.69 9.13
C GLN A 3 -11.19 20.74 9.98
N PRO A 4 -12.33 21.21 9.43
CA PRO A 4 -13.56 21.02 10.19
C PRO A 4 -14.01 19.56 10.30
N LEU A 5 -13.81 18.79 9.23
CA LEU A 5 -14.21 17.41 9.23
C LEU A 5 -13.49 16.58 10.32
N LEU A 6 -12.31 17.06 10.73
CA LEU A 6 -11.61 16.44 11.87
C LEU A 6 -12.03 17.06 13.20
N ASP A 7 -12.06 18.39 13.25
CA ASP A 7 -12.52 19.11 14.45
C ASP A 7 -13.97 18.77 14.83
N ALA A 8 -14.75 18.23 13.90
CA ALA A 8 -16.13 17.86 14.15
C ALA A 8 -16.27 16.48 14.80
N TYR A 9 -15.58 15.49 14.25
CA TYR A 9 -15.53 14.15 14.84
C TYR A 9 -15.02 14.25 16.28
N VAL A 10 -14.09 15.16 16.53
CA VAL A 10 -13.53 15.35 17.87
C VAL A 10 -14.61 15.76 18.89
N GLU A 11 -15.49 16.67 18.50
CA GLU A 11 -16.58 17.07 19.37
C GLU A 11 -17.65 15.98 19.51
N SER A 12 -17.75 15.10 18.51
CA SER A 12 -18.63 13.95 18.62
C SER A 12 -18.00 12.90 19.51
N ALA A 13 -16.68 12.97 19.71
CA ALA A 13 -15.97 12.10 20.65
C ALA A 13 -15.97 12.69 22.08
N SER A 14 -16.81 13.68 22.34
CA SER A 14 -16.83 14.34 23.64
C SER A 14 -17.62 13.50 24.65
N ILE A 15 -16.89 12.87 25.57
CA ILE A 15 -17.49 12.03 26.60
C ILE A 15 -16.88 12.41 27.94
N GLU A 16 -17.42 11.83 29.02
CA GLU A 16 -16.88 12.06 30.37
C GLU A 16 -16.12 10.82 30.81
N LYS A 17 -15.01 11.01 31.52
CA LYS A 17 -14.29 9.88 32.11
C LYS A 17 -15.13 9.22 33.21
N MET A 18 -14.59 8.15 33.77
CA MET A 18 -15.30 7.36 34.76
C MET A 18 -15.04 7.84 36.18
N ALA A 19 -15.88 7.40 37.12
CA ALA A 19 -15.71 7.70 38.55
C ALA A 19 -14.37 7.17 39.07
N SER A 20 -14.28 5.85 39.17
CA SER A 20 -13.05 5.16 39.55
C SER A 20 -12.54 4.31 38.39
N LYS A 21 -11.28 3.88 38.47
CA LYS A 21 -10.77 2.87 37.55
C LYS A 21 -11.17 1.42 37.99
N SER A 22 -12.41 1.28 38.45
CA SER A 22 -13.11 0.01 38.52
C SER A 22 -14.09 -0.01 37.35
N PRO A 23 -13.60 0.06 36.10
CA PRO A 23 -14.51 0.26 34.98
C PRO A 23 -15.33 -1.01 34.76
N PRO A 24 -16.66 -0.87 34.58
CA PRO A 24 -17.53 -2.04 34.46
C PRO A 24 -17.01 -3.02 33.39
N PRO A 25 -16.70 -4.26 33.79
CA PRO A 25 -16.09 -5.21 32.84
C PRO A 25 -17.04 -5.70 31.76
N LEU A 26 -16.49 -6.46 30.81
CA LEU A 26 -17.20 -6.92 29.63
C LEU A 26 -16.52 -8.17 29.09
N LYS A 27 -17.33 -9.06 28.53
CA LYS A 27 -16.85 -10.24 27.83
C LYS A 27 -17.28 -10.18 26.36
N ILE A 28 -16.33 -10.46 25.48
CA ILE A 28 -16.51 -10.31 24.05
C ILE A 28 -16.21 -11.63 23.31
N ALA A 29 -17.14 -12.03 22.45
CA ALA A 29 -16.95 -13.16 21.56
C ALA A 29 -17.05 -12.66 20.11
N VAL A 30 -16.34 -13.37 19.23
CA VAL A 30 -16.29 -12.98 17.82
C VAL A 30 -16.50 -14.21 16.94
N ALA A 31 -16.48 -13.98 15.63
CA ALA A 31 -16.48 -15.09 14.68
C ALA A 31 -15.28 -15.99 14.95
N ASN A 32 -15.41 -17.30 14.73
CA ASN A 32 -14.32 -18.24 14.99
C ASN A 32 -13.04 -17.90 14.22
N TRP A 33 -13.18 -17.46 12.96
CA TRP A 33 -12.06 -17.39 12.01
C TRP A 33 -11.12 -16.20 12.11
N TRP A 34 -11.51 -15.16 12.82
CA TRP A 34 -10.67 -13.96 12.91
C TRP A 34 -9.35 -14.23 13.60
N GLY A 35 -8.31 -13.50 13.20
CA GLY A 35 -6.96 -13.73 13.72
C GLY A 35 -6.35 -12.51 14.38
N ASP A 36 -5.19 -12.71 14.98
CA ASP A 36 -4.46 -11.66 15.70
C ASP A 36 -4.17 -10.41 14.88
N GLU A 37 -3.91 -10.60 13.59
CA GLU A 37 -3.74 -9.48 12.67
C GLU A 37 -5.06 -8.84 12.29
N GLU A 38 -6.15 -9.59 12.47
CA GLU A 38 -7.50 -9.06 12.35
C GLU A 38 -8.15 -8.76 13.73
N ILE A 39 -7.56 -9.28 14.80
CA ILE A 39 -8.00 -8.95 16.15
C ILE A 39 -7.28 -7.69 16.63
N LYS A 40 -6.05 -7.48 16.17
CA LYS A 40 -5.44 -6.17 16.36
C LYS A 40 -6.29 -5.12 15.61
N GLU A 41 -6.79 -5.51 14.43
CA GLU A 41 -7.78 -4.68 13.71
C GLU A 41 -9.03 -4.48 14.58
N PHE A 42 -9.45 -5.53 15.29
CA PHE A 42 -10.61 -5.45 16.17
C PHE A 42 -10.38 -4.50 17.33
N LYS A 43 -9.15 -4.47 17.80
CA LYS A 43 -8.77 -3.55 18.88
C LYS A 43 -8.35 -2.18 18.33
N ASN A 44 -7.98 -2.12 17.04
CA ASN A 44 -7.56 -0.85 16.41
C ASN A 44 -8.61 -0.02 15.67
N PHE A 45 -9.59 -0.66 15.07
CA PHE A 45 -10.69 0.10 14.46
C PHE A 45 -11.55 0.66 15.59
N VAL A 46 -12.37 1.65 15.30
CA VAL A 46 -12.99 2.55 16.27
C VAL A 46 -13.85 1.95 17.43
N LEU A 47 -14.32 0.72 17.30
CA LEU A 47 -15.29 0.19 18.25
C LEU A 47 -14.73 -0.17 19.62
N TYR A 48 -13.70 -1.01 19.63
CA TYR A 48 -12.96 -1.33 20.86
C TYR A 48 -12.41 -0.06 21.53
N PHE A 49 -12.07 0.94 20.73
CA PHE A 49 -11.60 2.21 21.25
C PHE A 49 -12.61 2.96 22.17
N ILE A 50 -13.91 2.85 21.86
CA ILE A 50 -14.93 3.47 22.67
C ILE A 50 -15.33 2.58 23.85
N LEU A 51 -15.28 1.25 23.67
CA LEU A 51 -15.34 0.37 24.82
C LEU A 51 -14.06 0.49 25.67
N SER A 52 -13.01 1.10 25.11
CA SER A 52 -11.74 1.25 25.83
C SER A 52 -11.79 2.36 26.87
N GLN A 53 -12.85 3.17 26.87
CA GLN A 53 -12.96 4.30 27.80
C GLN A 53 -14.05 4.12 28.84
N ARG A 54 -15.15 3.48 28.46
CA ARG A 54 -16.25 3.20 29.38
C ARG A 54 -16.14 1.85 30.13
N TYR A 55 -16.08 0.75 29.38
CA TYR A 55 -16.08 -0.58 29.96
C TYR A 55 -14.71 -1.21 29.98
N THR A 56 -14.57 -2.29 30.75
CA THR A 56 -13.35 -3.09 30.77
C THR A 56 -13.53 -4.33 29.90
N ILE A 57 -12.45 -4.76 29.25
CA ILE A 57 -12.54 -5.72 28.14
C ILE A 57 -11.54 -6.87 28.31
N THR A 58 -11.98 -8.06 27.95
CA THR A 58 -11.11 -9.20 27.71
C THR A 58 -11.74 -10.07 26.64
N LEU A 59 -10.99 -10.38 25.58
CA LEU A 59 -11.58 -11.05 24.43
C LEU A 59 -11.53 -12.56 24.56
N HIS A 60 -12.32 -13.24 23.74
CA HIS A 60 -12.49 -14.67 23.85
C HIS A 60 -12.45 -15.30 22.47
N GLN A 61 -11.50 -16.19 22.26
CA GLN A 61 -11.47 -17.05 21.08
C GLN A 61 -11.97 -18.45 21.41
N ASN A 62 -12.74 -18.57 22.50
CA ASN A 62 -13.32 -19.84 22.93
C ASN A 62 -14.83 -19.64 23.03
N PRO A 63 -15.62 -20.50 22.39
CA PRO A 63 -17.05 -20.51 22.73
C PRO A 63 -17.36 -21.24 24.05
N ASN A 64 -16.33 -21.68 24.77
CA ASN A 64 -16.44 -22.31 26.07
C ASN A 64 -16.64 -21.29 27.19
N GLU A 65 -17.03 -20.06 26.85
CA GLU A 65 -17.44 -19.08 27.86
C GLU A 65 -18.73 -18.43 27.41
N PHE A 66 -19.59 -18.05 28.35
CA PHE A 66 -20.80 -17.28 28.05
C PHE A 66 -20.50 -15.78 28.17
N SER A 67 -20.87 -15.03 27.14
CA SER A 67 -20.40 -13.65 27.00
C SER A 67 -21.46 -12.73 26.42
N ASP A 68 -21.11 -11.45 26.34
CA ASP A 68 -22.04 -10.35 26.10
C ASP A 68 -21.89 -9.72 24.74
N LEU A 69 -20.64 -9.49 24.34
CA LEU A 69 -20.38 -8.94 23.02
C LEU A 69 -19.98 -10.05 22.09
N VAL A 70 -20.96 -10.67 21.46
CA VAL A 70 -20.74 -11.76 20.52
C VAL A 70 -20.89 -11.25 19.09
N PHE A 71 -19.75 -11.08 18.41
CA PHE A 71 -19.72 -10.51 17.08
C PHE A 71 -19.79 -11.55 15.97
N GLY A 72 -19.19 -11.23 14.84
CA GLY A 72 -18.93 -12.18 13.77
C GLY A 72 -20.13 -12.67 12.98
N ASN A 73 -19.85 -13.58 12.04
CA ASN A 73 -20.78 -14.64 11.53
C ASN A 73 -20.05 -15.93 11.06
N PRO A 74 -19.87 -16.81 12.02
CA PRO A 74 -19.37 -18.17 11.86
C PRO A 74 -20.48 -19.11 11.37
N TYR A 84 -23.50 -20.59 20.34
CA TYR A 84 -23.69 -19.38 19.49
C TYR A 84 -25.16 -19.04 19.29
N GLN A 85 -25.93 -20.11 19.19
CA GLN A 85 -27.35 -20.03 18.90
C GLN A 85 -28.06 -19.19 19.94
N ASN A 86 -27.81 -19.44 21.21
CA ASN A 86 -28.63 -18.94 22.33
C ASN A 86 -27.79 -18.05 23.25
N ALA A 87 -27.50 -16.83 22.79
CA ALA A 87 -26.56 -15.97 23.52
C ALA A 87 -26.89 -14.48 23.40
N LYS A 88 -25.85 -13.64 23.54
CA LYS A 88 -25.99 -12.20 23.50
C LYS A 88 -25.06 -11.65 22.42
N ARG A 89 -25.59 -11.46 21.21
CA ARG A 89 -24.74 -11.35 20.03
C ARG A 89 -24.97 -10.05 19.28
N VAL A 90 -23.90 -9.26 19.16
CA VAL A 90 -23.94 -7.95 18.52
C VAL A 90 -23.39 -8.08 17.11
N PHE A 91 -24.12 -7.58 16.13
CA PHE A 91 -23.67 -7.57 14.74
C PHE A 91 -22.71 -6.41 14.48
N TYR A 92 -21.99 -6.49 13.36
CA TYR A 92 -20.99 -5.49 13.01
C TYR A 92 -20.36 -5.86 11.67
N THR A 93 -20.59 -5.03 10.67
CA THR A 93 -20.18 -5.34 9.31
C THR A 93 -19.36 -4.20 8.73
N GLY A 94 -18.79 -4.49 7.57
CA GLY A 94 -18.15 -3.49 6.73
C GLY A 94 -18.59 -3.68 5.30
N GLU A 95 -18.91 -4.91 4.94
CA GLU A 95 -19.39 -5.23 3.60
C GLU A 95 -20.88 -4.90 3.52
N ASN A 96 -21.42 -4.88 2.30
CA ASN A 96 -22.86 -4.66 2.15
C ASN A 96 -23.61 -5.92 2.54
N GLU A 97 -24.08 -5.94 3.77
CA GLU A 97 -24.81 -7.08 4.34
C GLU A 97 -26.02 -6.56 5.14
N SER A 98 -27.19 -7.09 4.83
CA SER A 98 -28.40 -6.75 5.58
C SER A 98 -28.34 -7.35 6.97
N PRO A 99 -29.15 -6.83 7.90
CA PRO A 99 -29.19 -7.43 9.27
C PRO A 99 -30.32 -8.45 9.42
N ASN A 100 -30.03 -9.55 10.12
CA ASN A 100 -30.98 -10.66 10.30
C ASN A 100 -31.09 -10.97 11.80
N PHE A 101 -32.12 -10.40 12.44
CA PHE A 101 -32.29 -10.45 13.89
C PHE A 101 -32.92 -11.78 14.39
N ASN A 102 -32.90 -12.80 13.53
CA ASN A 102 -33.36 -14.13 13.91
C ASN A 102 -32.21 -15.02 14.40
N LEU A 103 -30.99 -14.71 14.00
CA LEU A 103 -29.79 -15.31 14.55
C LEU A 103 -29.05 -14.35 15.50
N PHE A 104 -29.02 -13.05 15.19
CA PHE A 104 -28.41 -12.06 16.08
C PHE A 104 -29.43 -11.31 16.93
N ASP A 105 -28.92 -10.43 17.78
CA ASP A 105 -29.75 -9.60 18.65
C ASP A 105 -29.75 -8.14 18.22
N TYR A 106 -28.55 -7.59 18.09
CA TYR A 106 -28.40 -6.18 17.72
C TYR A 106 -27.52 -6.08 16.50
N ALA A 107 -27.49 -4.89 15.89
CA ALA A 107 -26.86 -4.72 14.59
C ALA A 107 -26.10 -3.43 14.50
N ILE A 108 -24.94 -3.47 13.83
CA ILE A 108 -24.18 -2.29 13.44
C ILE A 108 -23.99 -2.34 11.93
N GLY A 109 -24.77 -1.53 11.21
CA GLY A 109 -24.71 -1.51 9.76
C GLY A 109 -24.61 -0.10 9.19
N PHE A 110 -24.82 -0.02 7.89
CA PHE A 110 -24.86 1.26 7.21
C PHE A 110 -26.27 1.56 6.70
N ASP A 111 -27.20 0.63 6.89
CA ASP A 111 -28.61 0.87 6.55
C ASP A 111 -29.07 2.17 7.23
N GLU A 112 -29.65 3.09 6.44
CA GLU A 112 -30.36 4.22 7.04
C GLU A 112 -31.68 3.66 7.59
N LEU A 113 -31.54 2.92 8.68
CA LEU A 113 -32.61 2.12 9.24
C LEU A 113 -32.76 2.41 10.72
N ASP A 114 -33.41 1.46 11.39
CA ASP A 114 -33.91 1.65 12.75
C ASP A 114 -34.71 0.38 13.10
N PHE A 115 -34.60 -0.03 14.35
CA PHE A 115 -35.38 -1.15 14.88
C PHE A 115 -35.56 -0.92 16.36
N ASN A 116 -35.89 0.32 16.72
CA ASN A 116 -35.98 0.74 18.13
C ASN A 116 -34.57 0.58 18.75
N ASP A 117 -34.42 -0.18 19.84
CA ASP A 117 -33.08 -0.34 20.44
C ASP A 117 -32.31 -1.50 19.82
N ARG A 118 -32.75 -1.96 18.65
CA ARG A 118 -32.24 -3.22 18.08
C ARG A 118 -31.34 -3.05 16.88
N TYR A 119 -31.22 -1.82 16.39
CA TYR A 119 -30.29 -1.54 15.30
C TYR A 119 -29.51 -0.26 15.60
N LEU A 120 -28.24 -0.28 15.21
CA LEU A 120 -27.30 0.83 15.40
C LEU A 120 -26.55 1.05 14.08
N ARG A 121 -27.06 1.94 13.23
CA ARG A 121 -26.34 2.25 11.99
C ARG A 121 -25.01 2.90 12.34
N MET A 122 -23.91 2.28 11.93
CA MET A 122 -22.60 2.84 12.15
C MET A 122 -21.78 2.55 10.91
N PRO A 123 -21.73 3.52 10.00
CA PRO A 123 -20.99 3.27 8.76
C PRO A 123 -19.50 3.17 9.10
N LEU A 124 -18.77 2.40 8.31
CA LEU A 124 -17.33 2.30 8.55
C LEU A 124 -16.58 3.53 8.08
N TYR A 125 -17.24 4.69 8.00
CA TYR A 125 -16.53 5.95 7.82
C TYR A 125 -16.27 6.67 9.14
N TYR A 126 -16.52 5.95 10.23
CA TYR A 126 -16.14 6.42 11.58
C TYR A 126 -14.88 5.71 12.02
N ASN A 127 -14.40 4.77 11.20
CA ASN A 127 -13.16 4.08 11.50
C ASN A 127 -12.03 4.81 10.80
N GLU A 128 -12.23 5.29 9.58
CA GLU A 128 -11.16 6.07 9.02
C GLU A 128 -11.18 7.45 9.62
N LEU A 129 -12.35 7.94 10.02
CA LEU A 129 -12.41 9.20 10.72
C LEU A 129 -11.70 9.13 12.05
N HIS A 130 -11.84 8.00 12.73
CA HIS A 130 -11.19 7.74 14.02
C HIS A 130 -9.77 7.66 13.66
N ILE A 131 -9.46 6.67 12.86
CA ILE A 131 -8.17 6.37 12.38
C ILE A 131 -7.36 7.52 11.77
N LYS A 132 -8.03 8.52 11.21
CA LYS A 132 -7.39 9.73 10.71
C LYS A 132 -6.91 10.59 11.86
N ALA A 133 -7.44 10.32 13.05
CA ALA A 133 -7.02 10.99 14.28
C ALA A 133 -5.90 10.25 15.03
N GLU A 134 -5.63 9.01 14.61
CA GLU A 134 -4.47 8.28 15.11
C GLU A 134 -3.13 8.72 14.47
N SER A 135 -3.21 9.54 13.41
CA SER A 135 -2.02 10.03 12.72
C SER A 135 -1.78 11.52 12.98
N VAL A 136 -2.82 12.25 13.34
CA VAL A 136 -2.69 13.69 13.61
C VAL A 136 -2.17 14.01 15.02
N ASN A 137 -2.17 13.00 15.90
CA ASN A 137 -1.48 13.12 17.18
C ASN A 137 0.03 13.15 16.95
N ASP A 138 0.46 14.14 16.17
CA ASP A 138 1.82 14.22 15.67
C ASP A 138 2.30 15.65 15.75
N THR A 139 3.61 15.82 15.79
CA THR A 139 4.22 17.15 15.81
C THR A 139 4.38 17.71 14.38
N THR A 140 4.42 16.84 13.37
CA THR A 140 4.54 17.27 11.99
C THR A 140 3.25 17.01 11.23
N ALA A 141 2.14 17.43 11.82
CA ALA A 141 0.79 17.24 11.28
C ALA A 141 0.10 18.58 11.06
N PRO A 142 -0.81 18.64 10.08
CA PRO A 142 -1.52 19.90 9.81
C PRO A 142 -2.81 20.05 10.62
N TYR A 143 -3.60 19.00 10.65
CA TYR A 143 -4.92 19.04 11.25
C TYR A 143 -4.83 18.92 12.75
N LYS A 144 -5.65 19.71 13.43
CA LYS A 144 -5.48 20.02 14.83
C LYS A 144 -6.49 19.23 15.66
N LEU A 145 -6.04 18.75 16.81
CA LEU A 145 -6.88 18.08 17.78
C LEU A 145 -7.35 19.11 18.81
N LYS A 146 -8.34 18.74 19.60
CA LYS A 146 -8.67 19.53 20.78
C LYS A 146 -7.67 19.21 21.90
N ASP A 147 -7.26 20.23 22.64
CA ASP A 147 -6.20 20.12 23.63
C ASP A 147 -6.66 19.27 24.81
N ASN A 148 -5.89 18.23 25.12
CA ASN A 148 -6.26 17.28 26.17
C ASN A 148 -7.62 16.61 25.91
N SER A 149 -7.76 16.08 24.70
CA SER A 149 -8.95 15.32 24.31
C SER A 149 -8.66 13.84 24.29
N LEU A 150 -9.61 13.06 23.82
CA LEU A 150 -9.49 11.61 23.82
C LEU A 150 -8.28 11.11 23.05
N TYR A 151 -7.89 11.85 22.02
CA TYR A 151 -6.80 11.46 21.14
C TYR A 151 -5.48 12.11 21.50
N ALA A 152 -5.55 13.33 22.02
CA ALA A 152 -4.37 14.06 22.49
C ALA A 152 -3.86 13.50 23.82
N LEU A 153 -4.65 12.65 24.48
CA LEU A 153 -4.22 12.00 25.74
C LEU A 153 -3.16 10.92 25.50
N LYS A 154 -2.99 10.51 24.24
CA LYS A 154 -1.99 9.50 23.88
C LYS A 154 -0.76 10.13 23.24
N LYS A 155 0.41 9.60 23.56
CA LYS A 155 1.66 10.27 23.33
C LYS A 155 1.90 10.58 21.84
N PRO A 156 2.51 11.75 21.54
CA PRO A 156 2.66 12.16 20.15
C PRO A 156 3.89 11.56 19.47
N SER A 157 3.94 11.69 18.15
CA SER A 157 4.98 11.06 17.34
C SER A 157 5.49 12.02 16.24
N HIS A 158 6.26 11.51 15.27
CA HIS A 158 6.80 12.34 14.20
C HIS A 158 6.89 11.60 12.86
N CYS A 159 6.00 10.65 12.60
CA CYS A 159 6.06 9.84 11.38
C CYS A 159 5.30 10.46 10.19
N PHE A 160 5.11 11.77 10.22
CA PHE A 160 4.15 12.43 9.33
C PHE A 160 4.80 13.34 8.26
N LYS A 161 5.89 14.01 8.60
CA LYS A 161 6.56 14.89 7.63
C LYS A 161 7.30 14.11 6.53
N GLU A 162 7.63 12.86 6.81
CA GLU A 162 8.35 12.00 5.87
C GLU A 162 7.38 11.26 4.94
N LYS A 163 6.23 10.87 5.48
CA LYS A 163 5.23 10.14 4.72
C LYS A 163 4.55 11.10 3.74
N HIS A 164 3.97 12.17 4.26
CA HIS A 164 3.24 13.13 3.47
C HIS A 164 4.06 14.43 3.40
N PRO A 165 4.79 14.67 2.29
CA PRO A 165 5.37 16.01 2.13
C PRO A 165 4.53 16.92 1.23
N ASN A 166 3.67 16.34 0.40
CA ASN A 166 2.78 17.12 -0.47
C ASN A 166 1.39 17.25 0.10
N LEU A 167 0.88 16.21 0.77
CA LEU A 167 -0.37 16.34 1.51
C LEU A 167 -0.22 17.31 2.70
N CYS A 168 0.96 17.30 3.31
CA CYS A 168 1.31 18.32 4.29
C CYS A 168 1.52 19.71 3.67
N ALA A 169 1.50 19.79 2.34
CA ALA A 169 1.74 21.04 1.64
C ALA A 169 0.43 21.70 1.19
N VAL A 170 -0.22 21.13 0.19
CA VAL A 170 -1.33 21.79 -0.50
C VAL A 170 -2.46 22.21 0.45
N VAL A 171 -2.51 21.59 1.64
CA VAL A 171 -3.53 21.93 2.61
C VAL A 171 -3.17 23.16 3.43
N ASN A 172 -1.93 23.17 3.89
CA ASN A 172 -1.45 24.29 4.70
C ASN A 172 -1.10 25.47 3.85
N ASP A 173 -1.33 25.37 2.55
CA ASP A 173 -1.04 26.46 1.62
C ASP A 173 0.44 26.81 1.56
N GLU A 174 1.28 25.78 1.46
CA GLU A 174 2.63 25.94 0.95
C GLU A 174 2.73 25.50 -0.53
N SER A 175 1.59 25.42 -1.23
CA SER A 175 1.52 24.98 -2.62
C SER A 175 0.10 25.21 -3.13
N ASP A 176 -0.09 25.04 -4.45
CA ASP A 176 -1.34 25.35 -5.11
C ASP A 176 -2.16 24.10 -5.32
N PRO A 177 -3.51 24.26 -5.41
CA PRO A 177 -4.34 23.08 -5.75
C PRO A 177 -4.67 22.97 -7.21
N LEU A 178 -4.57 24.07 -7.95
CA LEU A 178 -4.85 24.09 -9.39
C LEU A 178 -3.59 23.85 -10.23
N LYS A 179 -2.43 23.83 -9.57
CA LYS A 179 -1.18 23.43 -10.22
C LYS A 179 -0.89 21.95 -9.94
N ARG A 180 -1.96 21.15 -9.97
CA ARG A 180 -1.86 19.69 -9.82
C ARG A 180 -2.68 19.04 -10.94
N GLY A 181 -2.98 17.76 -10.79
CA GLY A 181 -3.52 16.97 -11.89
C GLY A 181 -5.01 16.66 -11.77
N PHE A 182 -5.59 16.22 -12.89
CA PHE A 182 -7.02 15.96 -12.98
C PHE A 182 -7.46 14.87 -12.01
N ALA A 183 -7.56 13.63 -12.50
CA ALA A 183 -8.19 12.56 -11.75
C ALA A 183 -7.21 11.43 -11.44
N SER A 184 -7.46 10.75 -10.32
CA SER A 184 -6.70 9.54 -9.95
C SER A 184 -7.66 8.42 -9.57
N PHE A 185 -7.22 7.18 -9.81
CA PHE A 185 -8.04 5.98 -9.64
C PHE A 185 -7.32 5.03 -8.69
N VAL A 186 -7.88 4.87 -7.50
CA VAL A 186 -7.29 4.00 -6.52
C VAL A 186 -8.30 2.91 -6.09
N ALA A 187 -8.91 2.28 -7.08
CA ALA A 187 -9.71 1.09 -6.87
C ALA A 187 -8.88 -0.13 -7.30
N SER A 188 -9.06 -1.23 -6.59
CA SER A 188 -8.37 -2.49 -6.91
C SER A 188 -9.26 -3.72 -7.08
N ASN A 189 -10.59 -3.55 -6.98
CA ASN A 189 -11.51 -4.67 -7.09
C ASN A 189 -12.36 -4.53 -8.35
N PRO A 190 -12.47 -5.63 -9.14
CA PRO A 190 -13.19 -5.57 -10.40
C PRO A 190 -14.71 -5.61 -10.30
N ASN A 191 -15.27 -6.44 -9.42
CA ASN A 191 -16.73 -6.59 -9.35
C ASN A 191 -17.42 -5.30 -8.91
N ALA A 192 -17.42 -4.32 -9.80
CA ALA A 192 -17.99 -2.99 -9.56
C ALA A 192 -18.06 -2.27 -10.91
N PRO A 193 -19.07 -2.62 -11.73
CA PRO A 193 -19.10 -2.18 -13.12
C PRO A 193 -19.20 -0.66 -13.27
N ILE A 194 -19.86 -0.02 -12.32
CA ILE A 194 -19.91 1.48 -12.32
C ILE A 194 -18.53 2.03 -11.99
N ARG A 195 -17.84 1.45 -11.02
CA ARG A 195 -16.50 1.96 -10.63
C ARG A 195 -15.56 1.84 -11.82
N ASN A 196 -15.59 0.71 -12.52
CA ASN A 196 -14.63 0.48 -13.62
C ASN A 196 -14.94 1.36 -14.83
N ALA A 197 -16.15 1.21 -15.37
CA ALA A 197 -16.59 1.91 -16.58
C ALA A 197 -16.38 3.41 -16.55
N PHE A 198 -16.65 4.01 -15.40
CA PHE A 198 -16.53 5.43 -15.30
C PHE A 198 -15.12 5.88 -15.47
N ASN A 199 -14.16 4.97 -15.66
CA ASN A 199 -12.81 5.40 -15.92
C ASN A 199 -12.82 5.60 -17.41
N ASP A 200 -13.68 4.90 -18.12
CA ASP A 200 -13.71 5.06 -19.56
C ASP A 200 -14.06 6.49 -19.97
N ALA A 201 -15.25 6.92 -19.56
CA ALA A 201 -15.77 8.20 -20.02
C ALA A 201 -14.92 9.37 -19.50
N LEU A 202 -14.61 9.33 -18.21
CA LEU A 202 -13.83 10.36 -17.56
C LEU A 202 -12.46 10.52 -18.20
N ASN A 203 -11.96 9.44 -18.81
CA ASN A 203 -10.64 9.45 -19.43
C ASN A 203 -10.64 10.10 -20.83
N SER A 204 -11.72 9.89 -21.58
CA SER A 204 -11.80 10.42 -22.94
C SER A 204 -11.97 11.92 -22.99
N ILE A 205 -11.82 12.58 -21.84
CA ILE A 205 -11.96 14.05 -21.76
C ILE A 205 -10.73 14.65 -21.08
N GLU A 206 -9.98 13.84 -20.38
CA GLU A 206 -8.76 14.19 -19.66
C GLU A 206 -8.25 12.90 -18.98
N PRO A 207 -6.93 12.67 -18.98
CA PRO A 207 -6.34 11.40 -18.45
C PRO A 207 -6.71 11.09 -17.02
N VAL A 208 -6.88 9.80 -16.71
CA VAL A 208 -7.19 9.35 -15.34
C VAL A 208 -6.13 8.36 -14.88
N THR A 209 -5.63 8.52 -13.65
CA THR A 209 -4.50 7.73 -13.15
C THR A 209 -4.94 6.61 -12.23
N GLY A 210 -4.68 5.37 -12.64
CA GLY A 210 -4.99 4.20 -11.80
C GLY A 210 -3.85 3.80 -10.88
N GLY A 211 -4.20 3.23 -9.75
CA GLY A 211 -3.23 2.85 -8.74
C GLY A 211 -3.52 1.50 -8.11
N GLY A 212 -4.60 0.86 -8.53
CA GLY A 212 -4.86 -0.49 -8.10
C GLY A 212 -4.45 -1.48 -9.17
N SER A 213 -5.08 -2.66 -9.11
CA SER A 213 -4.94 -3.67 -10.15
C SER A 213 -5.87 -3.40 -11.34
N VAL A 214 -6.71 -2.36 -11.24
CA VAL A 214 -7.74 -2.07 -12.23
C VAL A 214 -7.54 -0.68 -12.75
N ARG A 215 -7.43 -0.56 -14.08
CA ARG A 215 -7.22 0.71 -14.79
C ARG A 215 -5.98 1.39 -14.31
N ASN A 216 -4.90 0.64 -14.09
CA ASN A 216 -3.67 1.16 -13.53
C ASN A 216 -2.88 1.97 -14.59
N THR A 217 -2.95 3.29 -14.47
CA THR A 217 -2.31 4.22 -15.39
C THR A 217 -0.84 4.50 -15.09
N LEU A 218 -0.52 4.64 -13.80
CA LEU A 218 0.80 5.05 -13.33
C LEU A 218 1.98 4.27 -13.93
N GLY A 219 2.17 3.04 -13.48
CA GLY A 219 3.42 2.34 -13.75
C GLY A 219 3.91 1.63 -12.50
N TYR A 220 3.44 2.11 -11.35
CA TYR A 220 3.77 1.52 -10.05
C TYR A 220 2.53 1.42 -9.17
N ASN A 221 2.55 0.46 -8.25
CA ASN A 221 1.51 0.30 -7.26
C ASN A 221 1.85 1.12 -6.03
N VAL A 222 0.90 1.97 -5.68
CA VAL A 222 1.08 2.97 -4.66
C VAL A 222 1.07 2.35 -3.26
N LYS A 223 1.96 2.82 -2.40
CA LYS A 223 2.01 2.36 -1.01
C LYS A 223 1.29 3.32 -0.05
N ASN A 224 1.43 4.62 -0.32
CA ASN A 224 0.75 5.64 0.47
C ASN A 224 -0.38 6.19 -0.40
N LYS A 225 -1.63 5.87 -0.04
CA LYS A 225 -2.74 6.28 -0.88
C LYS A 225 -3.05 7.77 -0.75
N ASN A 226 -2.62 8.42 0.33
CA ASN A 226 -2.97 9.83 0.54
C ASN A 226 -1.94 10.82 -0.03
N GLU A 227 -0.67 10.45 0.00
CA GLU A 227 0.34 11.22 -0.73
C GLU A 227 0.07 11.20 -2.22
N PHE A 228 -0.63 10.15 -2.64
CA PHE A 228 -1.04 10.02 -4.04
C PHE A 228 -2.01 11.14 -4.49
N LEU A 229 -3.12 11.27 -3.80
CA LEU A 229 -4.20 12.13 -4.27
C LEU A 229 -3.87 13.61 -4.10
N SER A 230 -3.03 13.93 -3.14
CA SER A 230 -2.60 15.31 -2.91
C SER A 230 -1.94 15.95 -4.13
N GLN A 231 -1.38 15.12 -5.01
CA GLN A 231 -0.84 15.61 -6.26
C GLN A 231 -1.90 15.63 -7.33
N TYR A 232 -3.16 15.59 -6.93
CA TYR A 232 -4.27 15.63 -7.88
C TYR A 232 -5.34 16.61 -7.41
N LYS A 233 -6.16 17.02 -8.36
CA LYS A 233 -7.28 17.92 -8.10
C LYS A 233 -8.60 17.15 -7.94
N PHE A 234 -8.61 15.85 -8.18
CA PHE A 234 -9.85 15.07 -8.11
C PHE A 234 -9.54 13.65 -7.67
N ASN A 235 -10.43 13.06 -6.87
CA ASN A 235 -10.40 11.64 -6.55
C ASN A 235 -11.77 11.01 -6.84
N LEU A 236 -11.75 9.75 -7.25
CA LEU A 236 -12.94 9.03 -7.67
C LEU A 236 -13.33 8.05 -6.58
N CYS A 237 -14.46 8.31 -5.91
CA CYS A 237 -14.86 7.61 -4.69
C CYS A 237 -16.01 6.67 -4.90
N PHE A 238 -15.94 5.82 -5.92
CA PHE A 238 -17.02 4.86 -6.19
C PHE A 238 -16.87 3.66 -5.27
N GLU A 239 -17.92 3.31 -4.56
CA GLU A 239 -17.93 2.07 -3.76
C GLU A 239 -17.95 0.86 -4.67
N ASN A 240 -17.74 -0.33 -4.11
CA ASN A 240 -17.76 -1.55 -4.90
C ASN A 240 -19.16 -1.91 -5.33
N THR A 241 -20.15 -1.67 -4.46
CA THR A 241 -21.55 -1.86 -4.83
C THR A 241 -22.38 -0.65 -4.41
N GLN A 242 -23.56 -0.52 -5.01
CA GLN A 242 -24.47 0.59 -4.72
C GLN A 242 -25.19 0.29 -3.41
N GLY A 243 -25.30 1.31 -2.57
CA GLY A 243 -25.99 1.13 -1.28
C GLY A 243 -26.36 2.43 -0.59
N TYR A 244 -27.65 2.61 -0.31
CA TYR A 244 -28.11 3.80 0.42
C TYR A 244 -27.42 3.80 1.79
N GLY A 245 -26.45 4.71 1.94
CA GLY A 245 -25.63 4.76 3.13
C GLY A 245 -24.29 4.10 2.96
N TYR A 246 -24.11 3.32 1.90
CA TYR A 246 -22.79 2.74 1.58
C TYR A 246 -21.82 3.85 1.26
N VAL A 247 -21.45 4.61 2.29
CA VAL A 247 -20.37 5.57 2.22
C VAL A 247 -19.32 5.06 3.20
N THR A 248 -18.11 4.81 2.71
CA THR A 248 -17.09 4.16 3.50
C THR A 248 -15.96 5.16 3.78
N GLU A 249 -14.75 4.64 4.00
CA GLU A 249 -13.60 5.48 4.19
C GLU A 249 -13.06 6.12 2.90
N LYS A 250 -13.48 5.60 1.76
CA LYS A 250 -13.03 6.11 0.46
C LYS A 250 -13.24 7.60 0.27
N ILE A 251 -14.42 8.07 0.67
CA ILE A 251 -14.69 9.49 0.68
C ILE A 251 -13.75 10.25 1.63
N ILE A 252 -13.43 9.61 2.75
CA ILE A 252 -12.65 10.27 3.79
C ILE A 252 -11.21 10.44 3.33
N ASP A 253 -10.65 9.37 2.74
CA ASP A 253 -9.28 9.38 2.21
C ASP A 253 -9.13 10.34 1.05
N ALA A 254 -10.26 10.83 0.52
CA ALA A 254 -10.27 11.85 -0.52
C ALA A 254 -10.50 13.26 0.06
N TYR A 255 -11.37 13.39 1.06
CA TYR A 255 -11.50 14.66 1.77
C TYR A 255 -10.18 15.02 2.47
N PHE A 256 -9.57 14.02 3.09
CA PHE A 256 -8.32 14.19 3.84
C PHE A 256 -7.15 14.62 2.98
N SER A 257 -7.30 14.49 1.66
CA SER A 257 -6.19 14.65 0.74
C SER A 257 -6.22 15.98 -0.07
N HIS A 258 -6.96 16.98 0.43
CA HIS A 258 -7.15 18.26 -0.24
C HIS A 258 -7.51 18.08 -1.73
N THR A 259 -8.29 17.04 -1.99
CA THR A 259 -8.81 16.77 -3.31
C THR A 259 -10.33 16.62 -3.27
N ILE A 260 -10.93 16.39 -4.43
CA ILE A 260 -12.38 16.33 -4.56
C ILE A 260 -12.83 14.90 -4.79
N PRO A 261 -13.77 14.40 -3.99
CA PRO A 261 -14.24 13.05 -4.24
C PRO A 261 -15.32 13.09 -5.31
N ILE A 262 -15.17 12.24 -6.32
CA ILE A 262 -16.20 12.14 -7.35
C ILE A 262 -17.05 10.91 -7.00
N TYR A 263 -17.96 11.10 -6.05
CA TYR A 263 -18.59 9.99 -5.35
C TYR A 263 -19.78 9.38 -6.06
N TRP A 264 -19.91 8.06 -5.98
CA TRP A 264 -21.09 7.35 -6.44
C TRP A 264 -21.18 6.04 -5.67
N GLY A 265 -22.40 5.62 -5.35
CA GLY A 265 -22.61 4.40 -4.62
C GLY A 265 -23.79 4.49 -3.69
N SER A 266 -23.91 5.59 -2.97
CA SER A 266 -24.99 5.76 -1.98
C SER A 266 -26.04 6.73 -2.50
N PRO A 267 -27.18 6.23 -3.01
CA PRO A 267 -28.20 7.12 -3.55
C PRO A 267 -28.84 8.03 -2.51
N SER A 268 -28.22 8.11 -1.34
CA SER A 268 -28.73 8.88 -0.20
C SER A 268 -27.50 9.43 0.55
N VAL A 269 -26.59 10.02 -0.21
CA VAL A 269 -25.29 10.42 0.34
C VAL A 269 -25.35 11.83 0.88
N ALA A 270 -26.09 12.72 0.22
CA ALA A 270 -26.11 14.15 0.60
C ALA A 270 -26.50 14.36 2.06
N LYS A 271 -27.14 13.36 2.67
CA LYS A 271 -27.37 13.43 4.09
C LYS A 271 -26.05 13.33 4.85
N ASP A 272 -25.24 12.34 4.50
CA ASP A 272 -23.98 12.03 5.20
C ASP A 272 -23.04 13.23 5.20
N PHE A 273 -22.66 13.68 4.00
CA PHE A 273 -21.77 14.82 3.87
C PHE A 273 -22.38 15.86 2.94
N ASN A 274 -21.79 17.05 2.91
CA ASN A 274 -22.29 18.17 2.11
C ASN A 274 -22.25 17.85 0.60
N PRO A 275 -23.39 17.92 -0.12
CA PRO A 275 -23.41 17.71 -1.58
C PRO A 275 -22.72 18.79 -2.42
N LYS A 276 -22.23 19.83 -1.76
CA LYS A 276 -21.54 20.92 -2.43
C LYS A 276 -20.02 20.82 -2.31
N SER A 277 -19.52 20.00 -1.38
CA SER A 277 -18.08 19.88 -1.13
C SER A 277 -17.43 18.76 -1.96
N PHE A 278 -18.25 17.93 -2.60
CA PHE A 278 -17.74 16.84 -3.42
C PHE A 278 -18.64 16.66 -4.62
N VAL A 279 -18.25 15.75 -5.51
CA VAL A 279 -19.00 15.47 -6.71
C VAL A 279 -19.87 14.25 -6.45
N ASN A 280 -21.18 14.48 -6.41
CA ASN A 280 -22.14 13.41 -6.21
C ASN A 280 -22.70 12.99 -7.58
N VAL A 281 -22.50 11.73 -7.94
CA VAL A 281 -22.86 11.24 -9.25
C VAL A 281 -24.32 10.81 -9.33
N HIS A 282 -24.99 10.68 -8.21
CA HIS A 282 -26.45 10.46 -8.22
C HIS A 282 -27.24 11.75 -8.49
N ASP A 283 -26.65 12.91 -8.19
CA ASP A 283 -27.25 14.21 -8.42
C ASP A 283 -27.43 14.56 -9.90
N PHE A 284 -27.39 13.55 -10.75
CA PHE A 284 -27.48 13.76 -12.21
C PHE A 284 -28.54 12.86 -12.79
N LYS A 285 -29.06 13.23 -13.95
CA LYS A 285 -30.09 12.42 -14.61
C LYS A 285 -29.47 11.31 -15.46
N ASN A 286 -28.31 11.58 -16.05
CA ASN A 286 -27.54 10.59 -16.80
C ASN A 286 -26.07 10.62 -16.42
N PHE A 287 -25.27 9.83 -17.14
CA PHE A 287 -23.84 9.70 -16.86
C PHE A 287 -22.99 10.81 -17.47
N ASP A 288 -23.39 11.31 -18.63
CA ASP A 288 -22.60 12.35 -19.28
C ASP A 288 -22.70 13.70 -18.59
N GLU A 289 -23.71 13.85 -17.73
CA GLU A 289 -23.76 15.00 -16.83
C GLU A 289 -22.81 14.83 -15.66
N ALA A 290 -22.51 13.60 -15.27
CA ALA A 290 -21.51 13.32 -14.26
C ALA A 290 -20.12 13.76 -14.73
N ILE A 291 -19.95 13.80 -16.04
CA ILE A 291 -18.72 14.32 -16.64
C ILE A 291 -18.83 15.82 -16.89
N ASP A 292 -20.03 16.35 -17.15
CA ASP A 292 -20.23 17.79 -17.36
C ASP A 292 -19.90 18.62 -16.14
N TYR A 293 -20.28 18.11 -14.98
CA TYR A 293 -20.13 18.81 -13.71
C TYR A 293 -18.69 19.20 -13.46
N ILE A 294 -17.75 18.33 -13.84
CA ILE A 294 -16.34 18.61 -13.56
C ILE A 294 -15.78 19.59 -14.58
N LYS A 295 -16.14 19.41 -15.85
CA LYS A 295 -15.59 20.21 -16.93
C LYS A 295 -15.95 21.68 -16.79
N TYR A 296 -16.82 22.01 -15.84
CA TYR A 296 -17.08 23.41 -15.48
C TYR A 296 -16.15 23.89 -14.36
N LEU A 297 -15.61 22.93 -13.59
CA LEU A 297 -14.86 23.22 -12.36
C LEU A 297 -13.35 23.34 -12.55
N HIS A 298 -12.72 22.46 -13.32
CA HIS A 298 -11.28 22.62 -13.59
C HIS A 298 -11.01 23.89 -14.42
N THR A 299 -11.93 24.20 -15.34
CA THR A 299 -11.72 25.30 -16.28
C THR A 299 -11.89 26.68 -15.62
N HIS A 300 -13.01 26.85 -14.91
CA HIS A 300 -13.35 28.13 -14.29
C HIS A 300 -13.04 28.03 -12.79
N LYS A 301 -11.77 28.28 -12.47
CA LYS A 301 -11.24 27.98 -11.15
C LYS A 301 -12.00 28.64 -10.02
N ASN A 302 -12.56 29.82 -10.28
CA ASN A 302 -13.28 30.58 -9.25
C ASN A 302 -14.52 29.82 -8.78
N ALA A 303 -14.81 28.71 -9.48
CA ALA A 303 -15.85 27.76 -9.07
C ALA A 303 -15.26 26.45 -8.56
N TYR A 304 -13.97 26.19 -8.80
CA TYR A 304 -13.29 25.04 -8.20
C TYR A 304 -12.93 25.28 -6.73
N LEU A 305 -12.76 26.55 -6.38
CA LEU A 305 -12.48 26.96 -5.01
C LEU A 305 -13.57 26.51 -4.03
N ASP A 306 -14.79 26.97 -4.27
CA ASP A 306 -15.90 26.75 -3.37
C ASP A 306 -16.03 25.30 -2.91
N MET A 307 -16.32 24.39 -3.86
CA MET A 307 -16.39 22.95 -3.56
C MET A 307 -15.15 22.50 -2.80
N LEU A 308 -13.98 22.96 -3.26
CA LEU A 308 -12.74 22.63 -2.59
C LEU A 308 -12.70 23.27 -1.21
N TYR A 309 -13.23 24.50 -1.12
CA TYR A 309 -13.24 25.26 0.13
C TYR A 309 -14.49 25.01 0.92
N GLU A 310 -15.26 24.00 0.54
CA GLU A 310 -16.52 23.67 1.19
C GLU A 310 -16.33 22.71 2.33
N ASN A 311 -17.22 22.80 3.29
CA ASN A 311 -17.21 21.89 4.43
C ASN A 311 -17.79 20.55 3.98
N PRO A 312 -17.13 19.44 4.31
CA PRO A 312 -17.79 18.13 4.11
C PRO A 312 -19.11 17.99 4.83
N LEU A 313 -19.26 18.65 5.97
CA LEU A 313 -20.50 18.49 6.76
C LEU A 313 -21.49 19.58 6.52
N ASN A 314 -22.78 19.28 6.64
CA ASN A 314 -23.84 20.30 6.58
C ASN A 314 -23.78 21.22 7.80
N THR A 315 -24.58 22.28 7.82
CA THR A 315 -24.50 23.27 8.90
C THR A 315 -25.86 23.53 9.55
N LEU A 316 -25.86 24.11 10.73
CA LEU A 316 -27.03 24.22 11.57
C LEU A 316 -27.03 25.56 12.29
N ASP A 317 -27.76 26.51 11.71
CA ASP A 317 -27.78 27.91 12.20
C ASP A 317 -26.42 28.39 12.74
N GLY A 318 -25.34 28.00 12.05
CA GLY A 318 -23.98 28.34 12.49
C GLY A 318 -23.11 27.13 12.78
N LYS A 319 -23.69 26.06 13.32
CA LYS A 319 -22.92 24.89 13.77
C LYS A 319 -22.88 23.79 12.70
N ALA A 320 -21.78 23.06 12.67
CA ALA A 320 -21.57 21.95 11.71
C ALA A 320 -21.72 20.61 12.38
N TYR A 321 -22.30 19.60 11.71
CA TYR A 321 -22.73 18.40 12.40
C TYR A 321 -22.53 17.09 11.61
N PHE A 322 -22.70 15.96 12.29
CA PHE A 322 -22.80 14.66 11.64
C PHE A 322 -24.28 14.27 11.50
N TYR A 323 -24.55 13.45 10.51
CA TYR A 323 -25.90 12.98 10.24
C TYR A 323 -26.30 11.94 11.28
N GLN A 324 -27.56 12.01 11.70
CA GLN A 324 -28.18 11.10 12.71
C GLN A 324 -27.44 11.12 14.04
N ASN A 325 -26.68 12.20 14.28
CA ASN A 325 -25.95 12.38 15.53
C ASN A 325 -25.00 11.23 15.84
N LEU A 326 -24.30 10.78 14.80
CA LEU A 326 -23.20 9.82 14.95
C LEU A 326 -22.15 10.37 15.93
N SER A 327 -22.10 9.77 17.12
CA SER A 327 -21.21 10.26 18.17
C SER A 327 -20.72 9.10 19.02
N PHE A 328 -19.79 9.37 19.92
CA PHE A 328 -19.34 8.35 20.87
C PHE A 328 -20.45 8.02 21.86
N LYS A 329 -21.17 9.05 22.31
CA LYS A 329 -22.26 8.84 23.27
C LYS A 329 -23.45 8.05 22.68
N LYS A 330 -24.01 8.54 21.58
CA LYS A 330 -25.23 7.94 21.00
C LYS A 330 -25.06 6.44 20.78
N ILE A 331 -23.85 6.00 20.47
CA ILE A 331 -23.56 4.59 20.33
C ILE A 331 -23.76 3.83 21.67
N LEU A 332 -23.48 4.51 22.77
CA LEU A 332 -23.62 3.95 24.11
C LEU A 332 -25.08 3.81 24.55
N ALA A 333 -25.95 4.74 24.13
CA ALA A 333 -27.38 4.60 24.36
C ALA A 333 -27.97 3.43 23.59
N PHE A 334 -27.13 2.79 22.77
CA PHE A 334 -27.50 1.52 22.12
C PHE A 334 -26.97 0.34 22.94
N PHE A 335 -25.68 0.38 23.29
CA PHE A 335 -25.05 -0.69 24.03
C PHE A 335 -25.52 -0.77 25.48
N LYS A 336 -25.76 0.39 26.10
CA LYS A 336 -26.30 0.36 27.45
C LYS A 336 -27.66 -0.35 27.46
N THR A 337 -28.54 0.02 26.55
CA THR A 337 -29.79 -0.71 26.36
C THR A 337 -29.57 -2.18 25.95
N ILE A 338 -28.41 -2.47 25.34
CA ILE A 338 -28.09 -3.84 24.94
C ILE A 338 -27.81 -4.71 26.15
N LEU A 339 -26.75 -4.35 26.84
CA LEU A 339 -26.35 -4.98 28.07
C LEU A 339 -27.61 -5.26 28.85
N ASP A 340 -28.27 -4.18 29.29
CA ASP A 340 -29.60 -4.11 29.92
C ASP A 340 -30.69 -5.17 29.57
N ASN A 341 -31.44 -5.05 28.46
CA ASN A 341 -32.53 -5.98 28.25
C ASN A 341 -32.00 -7.28 27.75
N ASP A 342 -32.42 -8.37 28.39
CA ASP A 342 -31.90 -9.69 28.11
C ASP A 342 -32.91 -10.58 27.40
N THR A 343 -33.86 -9.94 26.71
CA THR A 343 -34.82 -10.69 25.90
C THR A 343 -34.09 -11.38 24.75
N ILE A 344 -34.20 -12.71 24.69
CA ILE A 344 -33.60 -13.45 23.60
C ILE A 344 -34.50 -13.32 22.39
N TYR A 345 -34.34 -12.23 21.66
CA TYR A 345 -35.19 -11.96 20.49
C TYR A 345 -34.99 -13.06 19.45
N HIS A 346 -33.71 -13.33 19.16
CA HIS A 346 -33.33 -14.30 18.13
C HIS A 346 -33.82 -15.67 18.57
N ASP A 347 -34.31 -16.44 17.57
CA ASP A 347 -35.02 -17.68 17.80
C ASP A 347 -34.28 -18.61 18.75
N ASN A 348 -34.85 -18.73 19.96
CA ASN A 348 -34.42 -19.65 20.99
C ASN A 348 -34.22 -21.04 20.38
N PRO A 349 -32.97 -21.47 20.20
CA PRO A 349 -32.68 -22.64 19.37
C PRO A 349 -33.17 -23.94 19.99
N PHE A 350 -34.34 -24.41 19.56
CA PHE A 350 -34.96 -25.61 20.15
C PHE A 350 -35.20 -26.62 19.05
N ILE A 351 -34.16 -27.33 18.65
CA ILE A 351 -34.21 -28.23 17.51
C ILE A 351 -35.05 -29.46 17.85
N PHE A 352 -35.79 -29.97 16.87
CA PHE A 352 -36.70 -31.09 17.10
C PHE A 352 -36.11 -32.44 16.69
N MET B 1 20.26 -14.30 6.70
CA MET B 1 21.04 -13.16 7.21
C MET B 1 21.02 -12.05 6.15
N PHE B 2 20.28 -10.99 6.45
CA PHE B 2 20.24 -9.84 5.57
C PHE B 2 21.48 -9.00 5.78
N GLN B 3 22.23 -9.15 6.87
CA GLN B 3 23.39 -8.31 6.90
C GLN B 3 24.40 -8.49 5.78
N PRO B 4 24.74 -9.74 5.44
CA PRO B 4 25.64 -9.91 4.29
C PRO B 4 25.03 -9.40 2.97
N LEU B 5 23.76 -9.67 2.73
CA LEU B 5 23.09 -9.04 1.58
C LEU B 5 23.05 -7.50 1.72
N LEU B 6 23.21 -7.00 2.94
CA LEU B 6 23.37 -5.59 3.19
C LEU B 6 24.83 -5.18 3.12
N ASP B 7 25.75 -6.12 3.31
CA ASP B 7 27.19 -5.85 3.17
C ASP B 7 27.65 -5.90 1.71
N ALA B 8 27.06 -6.81 0.93
CA ALA B 8 27.45 -7.03 -0.44
C ALA B 8 27.16 -5.81 -1.34
N TYR B 9 25.89 -5.43 -1.43
CA TYR B 9 25.48 -4.39 -2.34
C TYR B 9 26.19 -3.07 -2.02
N VAL B 10 26.38 -2.80 -0.73
CA VAL B 10 26.87 -1.47 -0.32
C VAL B 10 28.27 -1.20 -0.85
N GLU B 11 29.17 -2.18 -0.74
CA GLU B 11 30.53 -1.99 -1.23
C GLU B 11 30.61 -2.19 -2.74
N SER B 12 29.57 -2.73 -3.38
CA SER B 12 29.45 -2.61 -4.83
C SER B 12 29.17 -1.16 -5.23
N ALA B 13 28.57 -0.40 -4.32
CA ALA B 13 28.33 1.03 -4.49
C ALA B 13 29.50 1.88 -3.96
N SER B 14 30.66 1.27 -3.79
CA SER B 14 31.85 2.01 -3.34
C SER B 14 32.52 2.65 -4.55
N ILE B 15 32.59 3.98 -4.52
CA ILE B 15 33.33 4.77 -5.51
C ILE B 15 34.12 5.83 -4.74
N GLU B 16 35.28 6.18 -5.26
CA GLU B 16 36.15 7.15 -4.61
C GLU B 16 35.44 8.50 -4.60
N LYS B 17 35.95 9.44 -3.82
CA LYS B 17 35.36 10.78 -3.85
C LYS B 17 35.65 11.49 -5.17
N MET B 18 34.86 12.53 -5.45
CA MET B 18 35.03 13.31 -6.64
C MET B 18 36.37 14.05 -6.61
N ALA B 19 37.22 13.71 -7.58
CA ALA B 19 38.54 14.34 -7.72
C ALA B 19 38.44 15.79 -8.21
N SER B 20 37.24 16.20 -8.63
CA SER B 20 37.03 17.50 -9.22
C SER B 20 35.53 17.79 -9.21
N LYS B 21 35.13 18.87 -8.55
CA LYS B 21 33.71 19.22 -8.45
C LYS B 21 33.24 19.92 -9.73
N SER B 22 33.42 19.21 -10.84
CA SER B 22 32.94 19.65 -12.14
C SER B 22 32.34 18.47 -12.86
N PRO B 23 31.22 17.91 -12.34
CA PRO B 23 30.75 16.59 -12.78
C PRO B 23 30.35 16.62 -14.23
N PRO B 24 30.98 15.77 -15.07
CA PRO B 24 30.72 15.77 -16.50
C PRO B 24 29.23 15.81 -16.82
N PRO B 25 28.77 16.88 -17.49
CA PRO B 25 27.34 16.99 -17.80
C PRO B 25 26.80 15.91 -18.76
N LEU B 26 25.48 15.85 -18.88
CA LEU B 26 24.81 14.79 -19.66
C LEU B 26 23.34 15.08 -19.73
N LYS B 27 22.82 15.23 -20.95
CA LYS B 27 21.39 15.50 -21.15
C LYS B 27 20.69 14.25 -21.69
N ILE B 28 19.55 13.91 -21.11
CA ILE B 28 18.91 12.61 -21.31
C ILE B 28 17.43 12.78 -21.66
N ALA B 29 16.92 11.90 -22.53
CA ALA B 29 15.53 11.99 -23.00
C ALA B 29 14.65 10.90 -22.36
N VAL B 30 13.34 11.10 -22.42
CA VAL B 30 12.38 10.16 -21.84
C VAL B 30 11.16 10.00 -22.76
N ALA B 31 10.10 9.37 -22.26
CA ALA B 31 8.82 9.29 -22.91
C ALA B 31 7.97 10.57 -22.65
N ASN B 32 6.71 10.52 -23.04
CA ASN B 32 5.86 11.71 -23.04
C ASN B 32 4.68 11.66 -22.05
N TRP B 33 3.84 10.61 -22.12
CA TRP B 33 2.52 10.65 -21.46
C TRP B 33 2.47 10.34 -19.97
N TRP B 34 3.61 10.39 -19.28
CA TRP B 34 3.60 10.24 -17.81
C TRP B 34 3.31 11.59 -17.14
N GLY B 35 4.00 11.88 -16.03
CA GLY B 35 3.84 13.16 -15.35
C GLY B 35 4.72 13.30 -14.14
N ASP B 36 4.34 14.22 -13.27
CA ASP B 36 5.08 14.54 -12.04
C ASP B 36 5.40 13.32 -11.20
N GLU B 37 4.35 12.53 -10.96
CA GLU B 37 4.45 11.39 -10.07
C GLU B 37 5.06 10.18 -10.79
N GLU B 38 5.32 10.33 -12.10
CA GLU B 38 5.86 9.22 -12.89
C GLU B 38 7.31 9.44 -13.38
N ILE B 39 7.66 10.67 -13.72
CA ILE B 39 8.99 10.98 -14.23
C ILE B 39 10.03 11.11 -13.10
N LYS B 40 9.55 11.40 -11.90
CA LYS B 40 10.41 11.36 -10.72
C LYS B 40 11.06 9.97 -10.52
N GLU B 41 10.52 8.94 -11.18
CA GLU B 41 11.06 7.59 -11.14
C GLU B 41 12.35 7.45 -11.94
N PHE B 42 12.44 8.16 -13.07
CA PHE B 42 13.67 8.20 -13.84
C PHE B 42 14.83 8.84 -13.09
N LYS B 43 14.51 9.71 -12.13
CA LYS B 43 15.48 10.13 -11.13
C LYS B 43 15.61 9.12 -9.98
N ASN B 44 14.53 8.38 -9.68
CA ASN B 44 14.45 7.46 -8.54
C ASN B 44 14.72 5.97 -8.75
N PHE B 45 14.66 5.47 -9.97
CA PHE B 45 15.19 4.12 -10.21
C PHE B 45 16.71 4.21 -10.25
N VAL B 46 17.37 3.08 -10.42
CA VAL B 46 18.78 2.90 -10.07
C VAL B 46 19.88 3.59 -10.89
N LEU B 47 19.54 4.51 -11.80
CA LEU B 47 20.51 5.25 -12.58
C LEU B 47 20.91 6.66 -12.06
N TYR B 48 19.92 7.55 -11.88
CA TYR B 48 20.22 8.94 -11.56
C TYR B 48 20.94 9.06 -10.21
N PHE B 49 20.56 8.22 -9.25
CA PHE B 49 21.21 8.20 -7.95
C PHE B 49 22.72 8.00 -8.07
N ILE B 50 23.13 6.98 -8.81
CA ILE B 50 24.54 6.64 -8.96
C ILE B 50 25.24 7.81 -9.65
N LEU B 51 24.59 8.36 -10.67
CA LEU B 51 25.21 9.37 -11.52
C LEU B 51 25.18 10.77 -10.91
N SER B 52 24.11 11.09 -10.19
CA SER B 52 23.97 12.43 -9.56
C SER B 52 25.14 12.69 -8.58
N GLN B 53 26.07 11.73 -8.53
CA GLN B 53 27.35 11.92 -7.86
C GLN B 53 28.49 12.06 -8.88
N ARG B 54 28.32 11.41 -10.05
CA ARG B 54 29.40 11.25 -11.02
C ARG B 54 29.26 12.06 -12.30
N TYR B 55 28.14 11.92 -12.99
CA TYR B 55 27.81 12.79 -14.11
C TYR B 55 26.83 13.87 -13.65
N THR B 56 26.81 14.99 -14.38
CA THR B 56 25.79 16.02 -14.21
C THR B 56 24.66 15.77 -15.20
N ILE B 57 23.44 15.84 -14.69
CA ILE B 57 22.28 15.32 -15.41
C ILE B 57 21.29 16.45 -15.70
N THR B 58 20.65 16.37 -16.86
CA THR B 58 19.47 17.19 -17.13
C THR B 58 18.55 16.39 -18.07
N LEU B 59 17.49 15.82 -17.50
CA LEU B 59 16.56 15.05 -18.28
C LEU B 59 15.76 15.98 -19.20
N HIS B 60 15.10 15.38 -20.19
CA HIS B 60 14.33 16.14 -21.16
C HIS B 60 12.96 15.52 -21.35
N GLN B 61 11.91 16.28 -21.03
CA GLN B 61 10.58 16.04 -21.58
C GLN B 61 10.32 16.96 -22.76
N ASN B 62 11.39 17.51 -23.34
CA ASN B 62 11.29 18.43 -24.48
C ASN B 62 12.06 17.89 -25.68
N PRO B 63 11.35 17.39 -26.70
CA PRO B 63 12.04 16.72 -27.80
C PRO B 63 12.95 17.62 -28.63
N ASN B 64 12.84 18.94 -28.44
CA ASN B 64 13.62 19.88 -29.24
C ASN B 64 14.99 20.16 -28.63
N GLU B 65 15.56 19.17 -27.94
CA GLU B 65 16.88 19.32 -27.36
C GLU B 65 17.80 18.15 -27.69
N PHE B 66 19.08 18.29 -27.36
CA PHE B 66 20.11 17.35 -27.78
C PHE B 66 20.48 16.41 -26.65
N SER B 67 20.54 15.12 -26.96
CA SER B 67 20.81 14.08 -25.96
C SER B 67 21.49 12.90 -26.63
N ASP B 68 22.26 12.19 -25.81
CA ASP B 68 23.05 11.05 -26.21
C ASP B 68 22.37 9.77 -25.75
N LEU B 69 21.83 9.79 -24.53
CA LEU B 69 21.24 8.62 -23.91
C LEU B 69 19.74 8.82 -23.90
N VAL B 70 19.03 8.02 -24.70
CA VAL B 70 17.58 8.07 -24.77
C VAL B 70 17.00 6.80 -24.16
N PHE B 71 16.45 6.93 -22.96
CA PHE B 71 15.80 5.83 -22.26
C PHE B 71 14.29 5.86 -22.47
N GLY B 72 13.53 5.30 -21.52
CA GLY B 72 12.07 5.26 -21.59
C GLY B 72 11.53 3.86 -21.83
N ASN B 73 10.25 3.78 -22.24
CA ASN B 73 9.58 2.57 -22.83
C ASN B 73 8.29 3.05 -23.56
N PRO B 74 8.44 3.94 -24.56
CA PRO B 74 7.36 4.77 -25.09
C PRO B 74 6.31 4.05 -25.96
N TYR B 84 13.30 11.95 -33.11
CA TYR B 84 14.16 11.33 -32.11
C TYR B 84 14.91 10.10 -32.62
N GLN B 85 14.31 9.47 -33.61
CA GLN B 85 14.56 8.08 -33.96
C GLN B 85 15.89 7.79 -34.70
N ASN B 86 16.58 8.84 -35.19
CA ASN B 86 17.89 8.68 -35.78
C ASN B 86 19.05 9.24 -34.93
N ALA B 87 19.18 8.79 -33.68
CA ALA B 87 20.26 9.25 -32.81
C ALA B 87 20.83 8.08 -31.99
N LYS B 88 21.37 8.39 -30.81
CA LYS B 88 21.93 7.38 -29.93
C LYS B 88 20.91 6.99 -28.87
N ARG B 89 20.51 5.72 -28.83
CA ARG B 89 19.37 5.29 -28.02
C ARG B 89 19.73 4.11 -27.14
N VAL B 90 19.18 4.07 -25.93
CA VAL B 90 19.47 2.98 -24.99
C VAL B 90 18.18 2.28 -24.60
N PHE B 91 18.15 0.96 -24.78
CA PHE B 91 16.98 0.15 -24.45
C PHE B 91 17.01 -0.24 -22.99
N TYR B 92 15.92 0.02 -22.27
CA TYR B 92 15.85 -0.17 -20.82
C TYR B 92 14.45 -0.65 -20.47
N THR B 93 14.35 -1.90 -20.04
CA THR B 93 13.06 -2.47 -19.70
C THR B 93 13.02 -2.95 -18.27
N GLY B 94 11.81 -3.26 -17.81
CA GLY B 94 11.59 -3.90 -16.54
C GLY B 94 10.62 -5.06 -16.68
N GLU B 95 9.73 -4.95 -17.67
CA GLU B 95 8.69 -5.92 -17.89
C GLU B 95 9.24 -7.14 -18.64
N ASN B 96 8.32 -7.96 -19.15
CA ASN B 96 8.64 -9.07 -20.03
C ASN B 96 8.45 -8.60 -21.46
N GLU B 97 9.59 -8.42 -22.14
CA GLU B 97 9.60 -7.94 -23.51
C GLU B 97 11.07 -8.10 -23.97
N SER B 98 11.26 -8.86 -25.04
CA SER B 98 12.57 -9.31 -25.49
C SER B 98 13.48 -8.16 -25.92
N PRO B 99 14.78 -8.43 -26.10
CA PRO B 99 15.70 -7.51 -26.80
C PRO B 99 15.10 -6.97 -28.11
N ASN B 100 15.38 -5.70 -28.41
CA ASN B 100 14.89 -5.06 -29.62
C ASN B 100 16.02 -4.23 -30.23
N PHE B 101 16.89 -4.86 -31.03
CA PHE B 101 18.09 -4.15 -31.52
C PHE B 101 17.86 -3.33 -32.81
N ASN B 102 16.63 -3.35 -33.33
CA ASN B 102 16.30 -2.62 -34.53
C ASN B 102 15.74 -1.23 -34.21
N LEU B 103 15.08 -1.07 -33.07
CA LEU B 103 14.49 0.19 -32.67
C LEU B 103 15.45 1.02 -31.83
N PHE B 104 15.95 0.46 -30.73
CA PHE B 104 17.00 1.13 -29.94
C PHE B 104 18.38 0.60 -30.31
N ASP B 105 19.42 1.33 -29.88
CA ASP B 105 20.78 0.94 -30.21
C ASP B 105 21.29 -0.09 -29.23
N TYR B 106 21.52 0.31 -27.99
CA TYR B 106 22.05 -0.60 -26.97
C TYR B 106 20.93 -1.34 -26.25
N ALA B 107 21.31 -2.17 -25.28
CA ALA B 107 20.36 -2.84 -24.41
C ALA B 107 20.79 -2.75 -22.96
N ILE B 108 19.83 -2.51 -22.07
CA ILE B 108 20.04 -2.57 -20.62
C ILE B 108 18.83 -3.32 -20.04
N GLY B 109 18.94 -4.63 -19.91
CA GLY B 109 17.77 -5.49 -19.68
C GLY B 109 18.02 -6.61 -18.70
N PHE B 110 17.49 -7.82 -19.02
CA PHE B 110 17.54 -8.94 -18.09
C PHE B 110 18.06 -10.23 -18.70
N ASP B 111 17.96 -10.37 -20.03
CA ASP B 111 18.35 -11.59 -20.72
C ASP B 111 19.81 -11.90 -20.43
N GLU B 112 20.21 -13.09 -20.85
CA GLU B 112 21.59 -13.54 -20.75
C GLU B 112 22.14 -13.56 -22.17
N LEU B 113 22.40 -12.36 -22.67
CA LEU B 113 22.86 -12.17 -24.07
C LEU B 113 24.22 -11.50 -24.10
N ASP B 114 24.94 -11.72 -25.20
CA ASP B 114 26.13 -10.95 -25.50
C ASP B 114 25.98 -10.25 -26.87
N PHE B 115 26.30 -8.96 -26.89
CA PHE B 115 26.45 -8.23 -28.15
C PHE B 115 27.59 -7.24 -28.00
N ASN B 116 28.72 -7.72 -27.47
CA ASN B 116 29.83 -6.88 -27.07
C ASN B 116 29.33 -5.78 -26.12
N ASP B 117 29.55 -4.52 -26.43
CA ASP B 117 29.11 -3.43 -25.58
C ASP B 117 27.61 -3.12 -25.70
N ARG B 118 26.87 -3.94 -26.44
CA ARG B 118 25.46 -3.69 -26.71
C ARG B 118 24.49 -4.42 -25.78
N TYR B 119 25.01 -5.14 -24.79
CA TYR B 119 24.15 -5.76 -23.82
C TYR B 119 24.66 -5.62 -22.38
N LEU B 120 23.76 -5.25 -21.47
CA LEU B 120 24.01 -5.23 -20.02
C LEU B 120 22.80 -5.81 -19.32
N ARG B 121 22.97 -6.95 -18.67
CA ARG B 121 21.86 -7.57 -17.97
C ARG B 121 21.73 -6.96 -16.59
N MET B 122 20.64 -6.24 -16.36
CA MET B 122 20.36 -5.66 -15.06
C MET B 122 18.98 -6.13 -14.56
N PRO B 123 18.97 -7.16 -13.71
CA PRO B 123 17.71 -7.54 -13.11
C PRO B 123 17.22 -6.41 -12.20
N LEU B 124 15.92 -6.44 -11.88
CA LEU B 124 15.30 -5.33 -11.20
C LEU B 124 15.67 -5.19 -9.75
N TYR B 125 16.10 -6.29 -9.13
CA TYR B 125 16.44 -6.28 -7.71
C TYR B 125 17.58 -5.30 -7.37
N TYR B 126 18.26 -4.75 -8.38
CA TYR B 126 19.28 -3.75 -8.12
C TYR B 126 18.61 -2.45 -7.66
N ASN B 127 17.33 -2.29 -7.98
CA ASN B 127 16.60 -1.11 -7.56
C ASN B 127 15.89 -1.36 -6.25
N GLU B 128 15.77 -2.59 -5.76
CA GLU B 128 15.16 -2.73 -4.43
C GLU B 128 16.23 -2.92 -3.37
N LEU B 129 17.36 -3.49 -3.78
CA LEU B 129 18.56 -3.41 -2.94
C LEU B 129 18.95 -1.95 -2.78
N HIS B 130 18.61 -1.13 -3.77
CA HIS B 130 18.90 0.29 -3.75
C HIS B 130 18.11 0.95 -2.67
N ILE B 131 16.83 0.65 -2.66
CA ILE B 131 15.91 1.34 -1.80
C ILE B 131 15.92 0.68 -0.46
N LYS B 132 16.07 -0.66 -0.44
CA LYS B 132 16.08 -1.45 0.77
C LYS B 132 17.33 -1.17 1.60
N ALA B 133 18.30 -0.51 1.00
CA ALA B 133 19.39 0.13 1.74
C ALA B 133 19.04 1.58 2.09
N GLU B 134 18.07 2.17 1.38
CA GLU B 134 17.71 3.56 1.54
C GLU B 134 16.49 3.75 2.47
N SER B 135 15.59 2.77 2.52
CA SER B 135 14.52 2.79 3.51
C SER B 135 15.03 2.35 4.91
N VAL B 136 16.23 1.80 4.97
CA VAL B 136 16.84 1.41 6.25
C VAL B 136 17.91 2.40 6.71
N ASN B 137 18.05 3.52 5.99
CA ASN B 137 18.90 4.61 6.45
C ASN B 137 18.18 5.36 7.56
N ASP B 138 17.99 4.64 8.68
CA ASP B 138 17.29 5.16 9.84
C ASP B 138 18.13 4.94 11.10
N THR B 139 17.96 5.81 12.09
CA THR B 139 18.48 5.58 13.42
C THR B 139 17.77 4.44 14.18
N THR B 140 16.53 4.12 13.79
CA THR B 140 15.73 3.11 14.49
C THR B 140 15.49 1.89 13.61
N ALA B 141 16.53 1.47 12.89
CA ALA B 141 16.46 0.37 11.93
C ALA B 141 17.32 -0.82 12.36
N PRO B 142 16.96 -2.04 11.92
CA PRO B 142 17.75 -3.21 12.26
C PRO B 142 19.04 -3.40 11.44
N TYR B 143 19.00 -2.96 10.19
CA TYR B 143 20.12 -3.13 9.27
C TYR B 143 21.09 -1.96 9.32
N LYS B 144 22.19 -2.16 10.05
CA LYS B 144 23.20 -1.13 10.18
C LYS B 144 24.10 -1.10 8.96
N LEU B 145 24.24 0.07 8.35
CA LEU B 145 25.09 0.23 7.18
C LEU B 145 26.53 0.48 7.63
N LYS B 146 27.48 0.04 6.81
CA LYS B 146 28.89 0.41 6.99
C LYS B 146 29.05 1.94 6.96
N ASP B 147 29.90 2.46 7.85
CA ASP B 147 29.94 3.89 8.08
C ASP B 147 30.56 4.65 6.92
N ASN B 148 29.97 5.78 6.62
CA ASN B 148 30.51 6.68 5.59
C ASN B 148 30.61 6.03 4.21
N SER B 149 29.54 5.37 3.79
CA SER B 149 29.38 4.92 2.41
C SER B 149 28.32 5.80 1.75
N LEU B 150 28.00 5.52 0.49
CA LEU B 150 27.11 6.38 -0.31
C LEU B 150 25.79 6.75 0.39
N TYR B 151 25.24 5.83 1.18
CA TYR B 151 24.00 6.10 1.89
C TYR B 151 24.24 6.75 3.24
N ALA B 152 25.24 6.25 3.98
CA ALA B 152 25.60 6.81 5.28
C ALA B 152 26.08 8.26 5.20
N LEU B 153 26.26 8.76 3.99
CA LEU B 153 26.60 10.17 3.76
C LEU B 153 25.41 11.09 4.03
N LYS B 154 24.20 10.54 4.03
CA LYS B 154 22.99 11.35 4.22
C LYS B 154 22.66 11.43 5.70
N LYS B 155 21.58 12.16 6.01
CA LYS B 155 21.22 12.38 7.41
C LYS B 155 20.28 11.29 7.88
N PRO B 156 20.66 10.57 8.97
CA PRO B 156 19.86 9.41 9.37
C PRO B 156 18.48 9.79 9.92
N SER B 157 17.46 9.05 9.47
CA SER B 157 16.08 9.28 9.88
C SER B 157 15.78 8.58 11.21
N HIS B 158 14.52 8.63 11.64
CA HIS B 158 14.11 8.03 12.92
C HIS B 158 12.65 7.62 12.88
N CYS B 159 12.30 6.80 11.90
CA CYS B 159 10.92 6.41 11.67
C CYS B 159 10.74 4.95 11.31
N PHE B 160 11.71 4.11 11.63
CA PHE B 160 11.64 2.69 11.28
C PHE B 160 11.07 1.81 12.40
N LYS B 161 11.44 2.09 13.65
CA LYS B 161 10.99 1.29 14.78
C LYS B 161 9.53 1.54 15.15
N GLU B 162 8.97 2.67 14.72
CA GLU B 162 7.55 2.96 14.93
C GLU B 162 6.68 2.38 13.81
N LYS B 163 7.20 2.41 12.59
CA LYS B 163 6.54 1.81 11.44
C LYS B 163 6.73 0.29 11.34
N HIS B 164 7.96 -0.17 11.61
CA HIS B 164 8.29 -1.59 11.55
C HIS B 164 8.76 -2.08 12.92
N PRO B 165 7.83 -2.35 13.86
CA PRO B 165 8.27 -2.92 15.14
C PRO B 165 8.45 -4.43 15.07
N ASN B 166 7.68 -5.12 14.23
CA ASN B 166 7.81 -6.56 14.11
C ASN B 166 8.94 -6.99 13.14
N LEU B 167 9.46 -6.02 12.36
CA LEU B 167 10.62 -6.30 11.53
C LEU B 167 11.92 -5.99 12.29
N CYS B 168 11.96 -4.83 12.95
CA CYS B 168 13.17 -4.45 13.69
C CYS B 168 13.55 -5.53 14.69
N ALA B 169 12.52 -6.13 15.31
CA ALA B 169 12.72 -7.06 16.41
C ALA B 169 13.52 -8.31 15.98
N VAL B 170 12.90 -9.21 15.22
CA VAL B 170 13.47 -10.54 14.99
C VAL B 170 14.86 -10.49 14.37
N VAL B 171 15.22 -9.34 13.79
CA VAL B 171 16.57 -9.10 13.29
C VAL B 171 17.49 -8.60 14.41
N ASN B 172 16.98 -7.77 15.31
CA ASN B 172 17.67 -7.46 16.54
C ASN B 172 17.58 -8.65 17.53
N ASP B 173 16.94 -9.72 17.10
CA ASP B 173 16.83 -10.94 17.88
C ASP B 173 15.99 -10.73 19.11
N GLU B 174 14.71 -10.48 18.87
CA GLU B 174 13.72 -10.28 19.92
C GLU B 174 12.40 -10.98 19.56
N SER B 175 12.47 -12.15 18.92
CA SER B 175 11.24 -12.85 18.55
C SER B 175 11.46 -14.35 18.33
N ASP B 176 10.37 -15.11 18.31
CA ASP B 176 10.37 -16.56 18.11
C ASP B 176 9.99 -16.80 16.65
N PRO B 177 10.78 -17.60 15.89
CA PRO B 177 10.42 -17.78 14.47
C PRO B 177 9.43 -18.91 14.25
N LEU B 178 9.24 -19.77 15.24
CA LEU B 178 8.16 -20.76 15.22
C LEU B 178 6.79 -20.11 15.44
N LYS B 179 6.78 -18.85 15.88
CA LYS B 179 5.55 -18.18 16.31
C LYS B 179 5.14 -17.10 15.31
N ARG B 180 5.30 -17.44 14.03
CA ARG B 180 4.75 -16.63 12.92
C ARG B 180 3.93 -17.52 12.02
N GLY B 181 2.88 -16.98 11.39
CA GLY B 181 2.00 -17.74 10.51
C GLY B 181 2.73 -18.46 9.40
N PHE B 182 2.06 -19.43 8.77
CA PHE B 182 2.61 -20.16 7.62
C PHE B 182 3.07 -19.25 6.50
N ALA B 183 2.18 -19.02 5.51
CA ALA B 183 2.55 -18.29 4.34
C ALA B 183 1.82 -16.96 4.22
N SER B 184 2.58 -15.92 3.85
CA SER B 184 2.00 -14.65 3.43
C SER B 184 1.97 -14.58 1.92
N PHE B 185 1.14 -13.69 1.37
CA PHE B 185 0.99 -13.57 -0.08
C PHE B 185 0.62 -12.13 -0.43
N VAL B 186 1.59 -11.39 -0.96
CA VAL B 186 1.37 -9.97 -1.19
C VAL B 186 1.42 -9.68 -2.71
N ALA B 187 0.47 -10.28 -3.41
CA ALA B 187 0.37 -10.17 -4.84
C ALA B 187 -1.06 -9.82 -5.24
N SER B 188 -1.18 -8.93 -6.23
CA SER B 188 -2.48 -8.39 -6.62
C SER B 188 -2.79 -8.53 -8.11
N ASN B 189 -2.17 -9.51 -8.75
CA ASN B 189 -2.44 -9.78 -10.17
C ASN B 189 -3.13 -11.13 -10.33
N PRO B 190 -4.28 -11.15 -11.06
CA PRO B 190 -5.01 -12.42 -11.21
C PRO B 190 -4.42 -13.33 -12.27
N ASN B 191 -4.22 -12.79 -13.47
CA ASN B 191 -3.70 -13.59 -14.59
C ASN B 191 -2.26 -14.00 -14.33
N ALA B 192 -2.15 -14.98 -13.45
CA ALA B 192 -0.91 -15.64 -13.07
C ALA B 192 -1.30 -16.87 -12.24
N PRO B 193 -1.88 -17.91 -12.88
CA PRO B 193 -2.29 -19.13 -12.17
C PRO B 193 -1.15 -19.75 -11.34
N ILE B 194 0.07 -19.54 -11.79
CA ILE B 194 1.26 -19.89 -11.04
C ILE B 194 1.16 -19.26 -9.64
N ARG B 195 0.86 -17.96 -9.61
CA ARG B 195 0.72 -17.26 -8.31
C ARG B 195 -0.77 -17.22 -7.92
N ASN B 196 -1.56 -18.08 -8.57
CA ASN B 196 -2.97 -18.21 -8.23
C ASN B 196 -3.41 -19.65 -7.95
N ALA B 197 -2.62 -20.64 -8.36
CA ALA B 197 -2.96 -22.05 -8.08
C ALA B 197 -2.06 -22.69 -7.05
N PHE B 198 -0.75 -22.52 -7.19
CA PHE B 198 0.16 -23.01 -6.18
C PHE B 198 -0.22 -22.42 -4.82
N ASN B 199 -0.72 -21.18 -4.85
CA ASN B 199 -1.28 -20.59 -3.64
C ASN B 199 -2.35 -21.54 -3.10
N ASP B 200 -3.44 -21.70 -3.85
CA ASP B 200 -4.46 -22.65 -3.43
C ASP B 200 -3.91 -24.04 -3.15
N ALA B 201 -2.93 -24.47 -3.92
CA ALA B 201 -2.25 -25.73 -3.65
C ALA B 201 -1.53 -25.67 -2.29
N LEU B 202 -0.80 -24.60 -2.05
CA LEU B 202 -0.19 -24.41 -0.74
C LEU B 202 -1.23 -24.06 0.31
N ASN B 203 -2.31 -23.40 -0.12
CA ASN B 203 -3.30 -22.86 0.80
C ASN B 203 -4.42 -23.83 1.15
N SER B 204 -4.90 -24.61 0.18
CA SER B 204 -5.94 -25.61 0.49
C SER B 204 -5.33 -26.82 1.21
N ILE B 205 -4.41 -26.50 2.11
CA ILE B 205 -3.66 -27.45 2.92
C ILE B 205 -3.59 -26.82 4.31
N GLU B 206 -3.00 -25.64 4.37
CA GLU B 206 -2.92 -24.79 5.56
C GLU B 206 -3.05 -23.35 5.06
N PRO B 207 -3.67 -22.46 5.87
CA PRO B 207 -3.94 -21.07 5.43
C PRO B 207 -2.71 -20.31 4.91
N VAL B 208 -2.90 -19.61 3.80
CA VAL B 208 -1.94 -18.64 3.30
C VAL B 208 -2.61 -17.25 3.36
N THR B 209 -1.88 -16.26 3.87
CA THR B 209 -2.45 -14.96 4.15
C THR B 209 -2.09 -13.95 3.06
N GLY B 210 -3.12 -13.33 2.49
CA GLY B 210 -2.95 -12.39 1.38
C GLY B 210 -2.81 -10.95 1.82
N GLY B 211 -2.29 -10.12 0.95
CA GLY B 211 -2.11 -8.70 1.27
C GLY B 211 -2.27 -7.78 0.09
N GLY B 212 -3.18 -8.14 -0.81
CA GLY B 212 -3.45 -7.36 -2.00
C GLY B 212 -4.92 -7.51 -2.40
N SER B 213 -5.17 -7.59 -3.71
CA SER B 213 -6.53 -7.81 -4.24
C SER B 213 -6.76 -9.27 -4.57
N VAL B 214 -5.72 -9.94 -5.08
CA VAL B 214 -5.86 -11.34 -5.53
C VAL B 214 -5.50 -12.28 -4.40
N ARG B 215 -6.39 -13.27 -4.16
CA ARG B 215 -6.22 -14.30 -3.12
C ARG B 215 -5.96 -13.64 -1.78
N ASN B 216 -6.83 -12.72 -1.44
CA ASN B 216 -6.69 -11.94 -0.21
C ASN B 216 -7.25 -12.67 1.00
N THR B 217 -6.81 -12.28 2.18
CA THR B 217 -7.16 -12.95 3.42
C THR B 217 -7.77 -12.02 4.45
N LEU B 218 -7.07 -10.93 4.74
CA LEU B 218 -7.48 -9.99 5.78
C LEU B 218 -8.83 -9.31 5.48
N GLY B 219 -9.10 -9.04 4.20
CA GLY B 219 -10.14 -8.08 3.85
C GLY B 219 -9.63 -6.64 3.82
N TYR B 220 -8.33 -6.45 3.57
CA TYR B 220 -7.76 -5.14 3.28
C TYR B 220 -6.40 -5.27 2.62
N ASN B 221 -6.02 -4.26 1.85
CA ASN B 221 -4.71 -4.21 1.21
C ASN B 221 -3.79 -3.42 2.10
N VAL B 222 -2.78 -4.08 2.65
CA VAL B 222 -1.88 -3.46 3.61
C VAL B 222 -0.86 -2.58 2.90
N LYS B 223 -0.71 -1.35 3.40
CA LYS B 223 0.23 -0.38 2.84
C LYS B 223 1.67 -0.57 3.35
N ASN B 224 1.81 -1.34 4.43
CA ASN B 224 3.13 -1.64 5.00
C ASN B 224 3.50 -3.08 4.64
N LYS B 225 4.39 -3.24 3.66
CA LYS B 225 4.66 -4.55 3.08
C LYS B 225 5.87 -5.20 3.71
N ASN B 226 6.60 -4.49 4.56
CA ASN B 226 7.72 -5.11 5.30
C ASN B 226 7.36 -5.63 6.67
N GLU B 227 6.27 -5.13 7.25
CA GLU B 227 5.81 -5.56 8.58
C GLU B 227 4.86 -6.75 8.49
N PHE B 228 4.13 -6.82 7.37
CA PHE B 228 3.21 -7.93 7.18
C PHE B 228 3.91 -9.30 7.08
N LEU B 229 5.02 -9.39 6.35
CA LEU B 229 5.70 -10.65 6.14
C LEU B 229 6.38 -11.18 7.40
N SER B 230 6.67 -10.29 8.36
CA SER B 230 7.34 -10.70 9.60
C SER B 230 6.38 -11.27 10.65
N GLN B 231 5.11 -10.93 10.54
CA GLN B 231 4.06 -11.60 11.32
C GLN B 231 3.73 -12.96 10.72
N TYR B 232 4.51 -13.39 9.72
CA TYR B 232 4.39 -14.70 9.11
C TYR B 232 5.79 -15.29 8.87
N LYS B 233 5.81 -16.53 8.38
CA LYS B 233 7.06 -17.27 8.18
C LYS B 233 7.49 -17.39 6.73
N PHE B 234 6.54 -17.26 5.80
CA PHE B 234 6.82 -17.53 4.39
C PHE B 234 6.29 -16.40 3.51
N ASN B 235 7.03 -16.08 2.44
CA ASN B 235 6.52 -15.22 1.39
C ASN B 235 6.62 -15.93 0.03
N LEU B 236 5.62 -15.70 -0.80
CA LEU B 236 5.41 -16.48 -2.02
C LEU B 236 5.94 -15.70 -3.23
N CYS B 237 7.28 -15.73 -3.36
CA CYS B 237 8.02 -14.86 -4.28
C CYS B 237 7.99 -15.34 -5.70
N PHE B 238 6.88 -15.97 -6.07
CA PHE B 238 6.64 -16.33 -7.46
C PHE B 238 6.69 -15.11 -8.40
N GLU B 239 6.64 -15.40 -9.69
CA GLU B 239 6.49 -14.38 -10.68
C GLU B 239 5.14 -14.53 -11.40
N ASN B 240 4.77 -13.49 -12.15
CA ASN B 240 3.56 -13.51 -12.95
C ASN B 240 3.67 -14.54 -14.07
N THR B 241 4.80 -14.55 -14.77
CA THR B 241 5.12 -15.61 -15.73
C THR B 241 6.56 -16.03 -15.51
N GLN B 242 7.17 -16.73 -16.46
CA GLN B 242 8.53 -17.28 -16.28
C GLN B 242 9.47 -16.60 -17.24
N GLY B 243 10.72 -16.42 -16.80
CA GLY B 243 11.75 -15.84 -17.66
C GLY B 243 13.18 -15.99 -17.16
N TYR B 244 14.04 -16.62 -17.98
CA TYR B 244 15.48 -16.63 -17.70
C TYR B 244 16.02 -15.22 -17.57
N GLY B 245 16.85 -15.01 -16.55
CA GLY B 245 17.43 -13.72 -16.29
C GLY B 245 16.43 -12.69 -15.75
N TYR B 246 15.15 -13.06 -15.70
CA TYR B 246 14.12 -12.15 -15.24
C TYR B 246 13.91 -12.32 -13.73
N VAL B 247 14.83 -11.76 -12.96
CA VAL B 247 14.64 -11.68 -11.49
C VAL B 247 14.07 -10.30 -11.15
N THR B 248 13.13 -10.24 -10.23
CA THR B 248 12.44 -8.99 -9.95
C THR B 248 12.86 -8.41 -8.60
N GLU B 249 11.99 -7.58 -8.03
CA GLU B 249 12.22 -7.01 -6.71
C GLU B 249 11.53 -7.79 -5.60
N LYS B 250 10.56 -8.64 -5.98
CA LYS B 250 9.72 -9.38 -5.00
C LYS B 250 10.58 -10.26 -4.10
N ILE B 251 11.56 -10.93 -4.69
CA ILE B 251 12.44 -11.86 -3.99
C ILE B 251 13.20 -11.15 -2.85
N ILE B 252 13.54 -9.88 -3.07
CA ILE B 252 14.27 -9.13 -2.05
C ILE B 252 13.43 -8.86 -0.82
N ASP B 253 12.16 -8.48 -1.02
CA ASP B 253 11.30 -8.02 0.05
C ASP B 253 10.89 -9.13 1.00
N ALA B 254 11.04 -10.39 0.56
CA ALA B 254 10.92 -11.54 1.50
C ALA B 254 12.26 -11.89 2.14
N TYR B 255 13.34 -11.74 1.37
CA TYR B 255 14.67 -11.78 1.93
C TYR B 255 14.85 -10.65 2.95
N PHE B 256 14.28 -9.48 2.66
CA PHE B 256 14.42 -8.31 3.50
C PHE B 256 13.72 -8.48 4.82
N SER B 257 12.67 -9.29 4.86
CA SER B 257 11.75 -9.31 5.99
C SER B 257 11.90 -10.53 6.93
N HIS B 258 13.07 -11.15 6.92
CA HIS B 258 13.38 -12.34 7.77
C HIS B 258 12.34 -13.45 7.58
N THR B 259 11.77 -13.52 6.37
CA THR B 259 10.86 -14.58 6.00
C THR B 259 11.45 -15.37 4.81
N ILE B 260 10.79 -16.46 4.42
CA ILE B 260 11.31 -17.37 3.40
C ILE B 260 10.59 -17.13 2.06
N PRO B 261 11.36 -16.96 0.96
CA PRO B 261 10.70 -16.89 -0.34
C PRO B 261 10.42 -18.29 -0.84
N ILE B 262 9.17 -18.54 -1.24
CA ILE B 262 8.84 -19.78 -1.92
C ILE B 262 8.78 -19.43 -3.41
N TYR B 263 9.92 -19.60 -4.07
CA TYR B 263 10.21 -18.88 -5.32
C TYR B 263 9.86 -19.67 -6.56
N TRP B 264 9.39 -18.93 -7.57
CA TRP B 264 9.17 -19.48 -8.90
C TRP B 264 9.24 -18.33 -9.90
N GLY B 265 9.93 -18.53 -11.01
CA GLY B 265 9.98 -17.51 -12.06
C GLY B 265 11.27 -17.57 -12.85
N SER B 266 12.40 -17.61 -12.15
CA SER B 266 13.69 -17.56 -12.82
C SER B 266 14.37 -18.93 -12.72
N PRO B 267 14.50 -19.63 -13.86
CA PRO B 267 15.24 -20.89 -13.83
C PRO B 267 16.76 -20.67 -13.76
N SER B 268 17.18 -19.46 -13.42
CA SER B 268 18.60 -19.16 -13.23
C SER B 268 18.82 -18.23 -12.05
N VAL B 269 17.81 -18.07 -11.19
CA VAL B 269 17.94 -17.28 -9.98
C VAL B 269 19.08 -17.81 -9.10
N ALA B 270 19.30 -19.12 -9.15
CA ALA B 270 20.44 -19.73 -8.45
C ALA B 270 21.79 -19.09 -8.87
N LYS B 271 21.83 -18.53 -10.05
CA LYS B 271 22.99 -17.83 -10.53
C LYS B 271 23.02 -16.42 -9.95
N ASP B 272 21.83 -15.88 -9.65
CA ASP B 272 21.70 -14.60 -8.98
C ASP B 272 21.96 -14.79 -7.48
N PHE B 273 21.27 -15.77 -6.88
CA PHE B 273 21.23 -15.91 -5.43
C PHE B 273 21.49 -17.35 -4.99
N ASN B 274 21.63 -17.55 -3.69
CA ASN B 274 21.86 -18.88 -3.09
C ASN B 274 20.60 -19.76 -3.13
N PRO B 275 20.66 -20.92 -3.81
CA PRO B 275 19.49 -21.82 -3.81
C PRO B 275 19.31 -22.63 -2.54
N LYS B 276 20.24 -22.53 -1.61
CA LYS B 276 20.06 -23.14 -0.27
C LYS B 276 19.69 -22.08 0.77
N SER B 277 18.93 -21.08 0.34
CA SER B 277 18.48 -20.00 1.24
C SER B 277 17.03 -19.59 0.99
N PHE B 278 16.47 -20.00 -0.15
CA PHE B 278 15.03 -19.81 -0.43
C PHE B 278 14.47 -21.08 -1.01
N VAL B 279 13.15 -21.15 -1.06
CA VAL B 279 12.49 -22.34 -1.57
C VAL B 279 12.23 -22.18 -3.06
N ASN B 280 12.80 -23.09 -3.84
CA ASN B 280 12.77 -23.00 -5.29
C ASN B 280 11.84 -24.06 -5.89
N VAL B 281 10.77 -23.63 -6.53
CA VAL B 281 9.83 -24.56 -7.15
C VAL B 281 10.39 -25.16 -8.46
N HIS B 282 11.47 -24.56 -8.99
CA HIS B 282 12.07 -25.09 -10.22
C HIS B 282 12.85 -26.35 -9.96
N ASP B 283 13.61 -26.35 -8.87
CA ASP B 283 14.47 -27.47 -8.46
C ASP B 283 13.67 -28.73 -8.07
N PHE B 284 12.38 -28.73 -8.38
CA PHE B 284 11.52 -29.87 -8.16
C PHE B 284 10.91 -30.29 -9.50
N LYS B 285 10.52 -31.56 -9.59
CA LYS B 285 9.86 -32.04 -10.78
C LYS B 285 8.47 -31.44 -11.01
N ASN B 286 7.83 -30.98 -9.93
CA ASN B 286 6.52 -30.36 -10.03
C ASN B 286 6.19 -29.57 -8.76
N PHE B 287 4.91 -29.27 -8.58
CA PHE B 287 4.42 -28.56 -7.40
C PHE B 287 4.22 -29.46 -6.17
N ASP B 288 3.87 -30.72 -6.39
CA ASP B 288 3.58 -31.62 -5.28
C ASP B 288 4.84 -32.05 -4.56
N GLU B 289 5.99 -31.92 -5.20
CA GLU B 289 7.27 -32.14 -4.53
C GLU B 289 7.61 -30.95 -3.61
N ALA B 290 6.97 -29.80 -3.85
CA ALA B 290 7.28 -28.57 -3.11
C ALA B 290 6.86 -28.60 -1.65
N ILE B 291 5.74 -29.25 -1.36
CA ILE B 291 5.21 -29.27 -0.01
C ILE B 291 5.96 -30.17 0.96
N ASP B 292 6.60 -31.20 0.41
CA ASP B 292 7.37 -32.15 1.23
C ASP B 292 8.60 -31.48 1.88
N TYR B 293 9.28 -30.65 1.09
CA TYR B 293 10.48 -29.96 1.58
C TYR B 293 10.16 -28.87 2.57
N ILE B 294 8.97 -28.26 2.45
CA ILE B 294 8.63 -27.15 3.33
C ILE B 294 8.14 -27.65 4.67
N LYS B 295 7.36 -28.72 4.63
CA LYS B 295 6.96 -29.38 5.90
C LYS B 295 8.18 -29.94 6.63
N TYR B 296 9.36 -29.74 6.07
CA TYR B 296 10.63 -29.94 6.76
C TYR B 296 11.05 -28.58 7.40
N LEU B 297 11.51 -27.63 6.59
CA LEU B 297 11.97 -26.33 7.09
C LEU B 297 10.98 -25.69 8.07
N HIS B 298 9.73 -25.65 7.66
CA HIS B 298 8.66 -25.09 8.47
C HIS B 298 8.49 -25.83 9.79
N THR B 299 8.86 -27.11 9.83
CA THR B 299 8.60 -27.94 10.99
C THR B 299 9.88 -28.56 11.59
N HIS B 300 11.00 -28.45 10.88
CA HIS B 300 12.27 -28.99 11.39
C HIS B 300 13.22 -27.82 11.53
N LYS B 301 13.03 -27.07 12.62
CA LYS B 301 13.58 -25.71 12.74
C LYS B 301 15.01 -25.54 12.27
N ASN B 302 15.81 -26.60 12.46
CA ASN B 302 17.24 -26.56 12.16
C ASN B 302 17.51 -26.33 10.70
N ALA B 303 16.42 -26.33 9.91
CA ALA B 303 16.51 -26.01 8.47
C ALA B 303 15.96 -24.62 8.13
N TYR B 304 15.10 -24.11 9.01
CA TYR B 304 14.61 -22.74 8.87
C TYR B 304 15.62 -21.73 9.40
N LEU B 305 16.57 -22.16 10.25
CA LEU B 305 17.60 -21.27 10.76
C LEU B 305 18.76 -21.09 9.78
N ASP B 306 19.45 -22.19 9.45
CA ASP B 306 20.62 -22.10 8.60
C ASP B 306 20.25 -21.49 7.26
N MET B 307 19.01 -21.71 6.84
CA MET B 307 18.46 -21.04 5.64
C MET B 307 18.10 -19.58 5.93
N LEU B 308 17.77 -19.28 7.19
CA LEU B 308 17.57 -17.89 7.64
C LEU B 308 18.92 -17.24 7.98
N TYR B 309 19.89 -18.04 8.41
CA TYR B 309 21.26 -17.56 8.60
C TYR B 309 22.03 -17.45 7.27
N GLU B 310 21.31 -17.49 6.15
CA GLU B 310 21.91 -17.72 4.86
C GLU B 310 21.91 -16.49 3.99
N ASN B 311 23.05 -16.22 3.37
CA ASN B 311 23.21 -15.11 2.45
C ASN B 311 22.36 -15.37 1.20
N PRO B 312 21.54 -14.39 0.77
CA PRO B 312 20.85 -14.55 -0.50
C PRO B 312 21.78 -14.82 -1.66
N LEU B 313 22.85 -14.05 -1.81
CA LEU B 313 23.80 -14.28 -2.89
C LEU B 313 24.59 -15.59 -2.69
N ASN B 314 25.28 -16.02 -3.74
CA ASN B 314 26.19 -17.16 -3.60
C ASN B 314 27.53 -16.67 -3.06
N THR B 315 28.42 -17.60 -2.75
CA THR B 315 29.78 -17.25 -2.33
C THR B 315 30.83 -17.85 -3.26
N LEU B 316 32.02 -17.25 -3.26
CA LEU B 316 33.09 -17.70 -4.13
C LEU B 316 34.34 -17.98 -3.30
N ASP B 317 34.44 -19.20 -2.78
CA ASP B 317 35.56 -19.59 -1.90
C ASP B 317 35.80 -18.54 -0.81
N GLY B 318 34.71 -18.23 -0.08
CA GLY B 318 34.74 -17.36 1.08
C GLY B 318 33.83 -16.15 0.91
N LYS B 319 34.03 -15.41 -0.18
CA LYS B 319 33.37 -14.11 -0.36
C LYS B 319 32.27 -14.19 -1.42
N ALA B 320 31.30 -13.30 -1.33
CA ALA B 320 30.09 -13.33 -2.16
C ALA B 320 30.24 -12.54 -3.44
N TYR B 321 29.29 -12.69 -4.36
CA TYR B 321 29.37 -12.01 -5.66
C TYR B 321 28.02 -11.72 -6.30
N PHE B 322 27.99 -10.76 -7.21
CA PHE B 322 26.83 -10.59 -8.10
C PHE B 322 27.00 -11.44 -9.34
N TYR B 323 25.88 -11.81 -9.96
CA TYR B 323 25.91 -12.53 -11.23
C TYR B 323 26.38 -11.58 -12.32
N GLN B 324 27.29 -12.08 -13.17
CA GLN B 324 27.97 -11.30 -14.24
C GLN B 324 28.72 -10.10 -13.70
N ASN B 325 29.12 -10.18 -12.44
CA ASN B 325 29.87 -9.12 -11.76
C ASN B 325 29.16 -7.76 -11.78
N LEU B 326 27.84 -7.80 -11.62
CA LEU B 326 27.02 -6.61 -11.62
C LEU B 326 27.48 -5.65 -10.53
N SER B 327 28.06 -4.53 -10.93
CA SER B 327 28.54 -3.51 -10.01
C SER B 327 28.26 -2.11 -10.58
N PHE B 328 28.77 -1.07 -9.91
CA PHE B 328 28.63 0.28 -10.41
C PHE B 328 29.44 0.52 -11.67
N LYS B 329 30.73 0.19 -11.61
CA LYS B 329 31.66 0.43 -12.72
C LYS B 329 31.22 -0.27 -14.00
N LYS B 330 30.88 -1.57 -13.89
CA LYS B 330 30.36 -2.35 -15.01
C LYS B 330 29.24 -1.62 -15.71
N ILE B 331 28.40 -0.91 -14.95
CA ILE B 331 27.37 -0.07 -15.52
C ILE B 331 27.94 1.31 -15.85
N LEU B 332 28.86 1.82 -15.01
CA LEU B 332 29.50 3.09 -15.31
C LEU B 332 30.27 2.98 -16.62
N ALA B 333 31.23 2.06 -16.66
CA ALA B 333 32.03 1.83 -17.86
C ALA B 333 31.22 1.10 -18.92
N PHE B 334 29.94 0.85 -18.67
CA PHE B 334 29.02 0.44 -19.74
C PHE B 334 28.63 1.65 -20.60
N PHE B 335 28.50 2.81 -19.96
CA PHE B 335 28.11 4.03 -20.67
C PHE B 335 29.29 4.78 -21.29
N LYS B 336 30.50 4.51 -20.82
CA LYS B 336 31.66 5.18 -21.41
C LYS B 336 31.79 4.78 -22.86
N THR B 337 31.75 3.47 -23.12
CA THR B 337 31.78 2.97 -24.48
C THR B 337 30.68 3.63 -25.33
N ILE B 338 29.52 3.87 -24.72
CA ILE B 338 28.39 4.53 -25.42
C ILE B 338 28.79 5.91 -25.98
N LEU B 339 29.46 6.70 -25.14
CA LEU B 339 29.93 8.01 -25.54
C LEU B 339 31.14 7.92 -26.45
N ASP B 340 31.58 6.68 -26.67
CA ASP B 340 32.71 6.29 -27.49
C ASP B 340 32.33 6.01 -28.97
N ASN B 341 31.62 4.92 -29.25
CA ASN B 341 31.42 4.51 -30.62
C ASN B 341 30.31 5.35 -31.21
N ASP B 342 30.55 5.94 -32.37
CA ASP B 342 29.54 6.73 -33.05
C ASP B 342 28.61 5.94 -33.96
N THR B 343 28.82 4.63 -34.03
CA THR B 343 28.18 3.81 -35.06
C THR B 343 26.68 3.76 -34.84
N ILE B 344 25.92 4.18 -35.83
CA ILE B 344 24.45 4.04 -35.75
C ILE B 344 24.04 2.57 -35.98
N TYR B 345 23.34 2.02 -35.00
CA TYR B 345 22.96 0.62 -35.00
C TYR B 345 21.48 0.39 -35.27
N HIS B 346 20.62 1.19 -34.62
CA HIS B 346 19.18 0.98 -34.72
C HIS B 346 18.76 1.14 -36.19
N ASP B 347 17.70 0.46 -36.58
CA ASP B 347 17.27 0.42 -37.96
C ASP B 347 17.01 1.81 -38.53
N ASN B 348 17.92 2.23 -39.42
CA ASN B 348 17.86 3.54 -40.07
C ASN B 348 16.53 3.71 -40.80
N PRO B 349 15.62 4.54 -40.25
CA PRO B 349 14.32 4.70 -40.88
C PRO B 349 14.33 5.70 -42.04
N PHE B 350 14.35 5.19 -43.26
CA PHE B 350 14.27 6.02 -44.46
C PHE B 350 13.02 5.66 -45.26
N ILE B 351 12.26 6.69 -45.63
CA ILE B 351 11.06 6.52 -46.43
C ILE B 351 11.27 7.16 -47.82
N PHE B 352 10.83 6.45 -48.85
CA PHE B 352 10.97 6.89 -50.22
C PHE B 352 9.60 7.14 -50.85
O3 C06 C . -14.95 1.41 -5.73
C4 C06 C . -13.88 -3.03 -5.44
C5 C06 C . -13.69 -1.52 -5.31
O4 C06 C . -13.45 1.10 -3.58
C6 C06 C . -11.07 0.73 -0.44
N1 C06 C . -5.13 1.66 3.00
C7 C06 C . -9.72 1.45 -0.25
C8 C06 C . -9.83 2.98 -0.23
N2 C06 C . -6.17 1.25 -0.32
C9 C06 C . -8.62 3.38 0.59
O5 C06 C . -12.95 -0.98 -2.25
C10 C06 C . -8.48 2.24 1.59
O6 C06 C . -14.20 0.86 -1.06
C11 C06 C . -6.44 2.01 3.09
C12 C06 C . -4.89 1.33 1.71
N3 C06 C . -3.86 0.63 -0.40
C13 C06 C . -6.15 1.51 1.00
O7 C06 C . -11.66 1.11 -1.68
C14 C06 C . -5.08 0.81 -1.05
O8 C06 C . -9.12 1.09 1.00
C15 C06 C . -3.71 0.87 0.95
N4 C06 C . -5.26 0.57 -2.43
N C06 C . -7.05 1.92 1.89
C C06 C . -12.94 -0.87 -8.94
O C06 C . -13.63 -0.90 -6.60
P C06 C . -14.82 0.65 -4.31
P1 C06 C . -13.06 0.49 -2.14
C1 C06 C . -13.14 -1.71 -7.68
O1 C06 C . -14.76 -0.94 -4.57
C2 C06 C . -14.13 -2.85 -7.95
O2 C06 C . -15.98 0.97 -3.47
C3 C06 C . -14.78 -3.35 -6.66
O9 C06 C . -2.65 0.74 1.63
O10 C06 C . -7.46 3.53 -0.24
O11 C06 C . -9.83 3.63 -1.53
O12 C06 C . -14.41 -3.60 -4.23
O13 C06 C . -16.09 -2.80 -6.46
O14 C06 C . -15.10 -2.48 -8.95
O3 C06 D . 3.63 -12.84 -8.75
C4 C06 D . 0.87 -10.07 -11.13
C5 C06 D . 1.72 -10.53 -9.95
O4 C06 D . 4.30 -10.36 -8.14
C6 C06 D . 5.20 -6.67 -7.02
N1 C06 D . 5.48 -1.42 -2.54
C7 C06 D . 5.13 -6.13 -5.59
C8 C06 D . 6.05 -6.86 -4.60
N2 C06 D . 3.39 -4.15 -3.21
C9 C06 D . 6.32 -5.80 -3.54
O5 C06 D . 3.83 -8.21 -9.37
C10 C06 D . 6.30 -4.50 -4.35
O6 C06 D . 6.25 -8.88 -9.09
C11 C06 D . 6.33 -2.22 -3.22
C12 C06 D . 4.29 -2.05 -2.45
N3 C06 D . 1.96 -2.67 -1.99
C13 C06 D . 4.45 -3.32 -3.15
O7 C06 D . 4.82 -8.04 -7.05
C14 C06 D . 2.16 -3.87 -2.66
O8 C06 D . 5.55 -4.75 -5.54
C15 C06 D . 2.96 -1.74 -1.86
N4 C06 D . 1.13 -4.84 -2.81
N C06 D . 5.71 -3.37 -3.59
C C06 D . -0.79 -12.99 -8.59
O C06 D . 1.15 -11.70 -9.34
P C06 D . 4.14 -11.42 -9.34
P1 C06 D . 4.78 -8.85 -8.44
C1 C06 D . -0.28 -11.83 -9.45
O1 C06 D . 3.04 -10.86 -10.38
C2 C06 D . -0.67 -12.04 -10.91
O2 C06 D . 5.43 -11.60 -10.03
C3 C06 D . 0.26 -11.26 -11.86
O9 C06 D . 2.90 -0.61 -1.27
O10 C06 D . 5.30 -5.81 -2.53
O11 C06 D . 5.51 -8.06 -4.02
O12 C06 D . 1.65 -9.23 -12.02
O13 C06 D . 1.28 -12.09 -12.43
O14 C06 D . -0.72 -13.45 -11.25
#